data_8INL
#
_entry.id   8INL
#
_cell.length_a   187.101
_cell.length_b   187.101
_cell.length_c   106.945
_cell.angle_alpha   90.000
_cell.angle_beta   90.000
_cell.angle_gamma   120.000
#
_symmetry.space_group_name_H-M   'P 61 2 2'
#
loop_
_entity.id
_entity.type
_entity.pdbx_description
1 polymer 'Lysine-specific histone demethylase 1A'
2 non-polymer 'L(+)-TARTARIC ACID'
3 non-polymer GLYCEROL
4 non-polymer 3-[3,5-bis(fluoranyl)-2-phenylmethoxy-phenyl]propanal
5 non-polymer 'FLAVIN-ADENINE DINUCLEOTIDE'
6 water water
#
_entity_poly.entity_id   1
_entity_poly.type   'polypeptide(L)'
_entity_poly.pdbx_seq_one_letter_code
;GPLGSHMSGVEGAAFQSRLPHDRMTSQEAACFPDIISGPQQTQKVFLFIRNRTLQLWLDNPKIQLTFEATLQQLEAPYNS
DTVLVHRVHSYLERHGLINFGIYKRIKPLPTKKTGKVIIIGSGVSGLAAARQLQSFGMDVTLLEARDRVGGRVATFRKGN
YVADLGAMVVTGLGGNPMAVVSKQVNMELAKIKQKCPLYEANGQAVPKEKDEMVEQEFNRLLEATSYLSHQLDFNVLNNK
PVSLGQALEVVIQLQEKHVKDEQIEHWKKIVKTQEELKELLNKMVNLKEKIKELHQQYKEASEVKPPRDITAEFLVKSKH
RDLTALCKEYDELAETQGKLEEKLQELEANPPSDVYLSSRDRQILDWHFANLEFANATPLSTLSLKHWDQDDDFEFTGSH
LTVRNGYSCVPVALAEGLDIKLNTAVRQVRYTASGCEVIAVNTRSTSQTFIYKCDAVLCTLPLGVLKQQPPAVQFVPPLP
EWKTSAVQRMGFGNLNKVVLCFDRVFWDPSVNLFGHVGSTTASRGELFLFWNLYKAPILLALVAGEAAGIMENISDDVIV
GRCLAILKGIFGSSAVPQPKETVVSRWRADPWARGSYSYVAAGSSGNDYDLMAQPITPGPSIPGAPQPIPRLFFAGEHTI
RNYPATVHGALLSGLREAGRIADQFLGAM
;
_entity_poly.pdbx_strand_id   A
#
loop_
_chem_comp.id
_chem_comp.type
_chem_comp.name
_chem_comp.formula
DJ0 non-polymer 3-[3,5-bis(fluoranyl)-2-phenylmethoxy-phenyl]propanal 'C16 H14 F2 O2'
FAD non-polymer 'FLAVIN-ADENINE DINUCLEOTIDE' 'C27 H33 N9 O15 P2'
GOL non-polymer GLYCEROL 'C3 H8 O3'
TLA non-polymer 'L(+)-TARTARIC ACID' 'C4 H6 O6'
#
# COMPACT_ATOMS: atom_id res chain seq x y z
N MET A 7 -24.37 -14.68 6.24
CA MET A 7 -23.68 -15.47 7.27
C MET A 7 -24.19 -15.16 8.67
N SER A 8 -23.88 -16.03 9.63
CA SER A 8 -24.51 -16.02 10.93
C SER A 8 -23.76 -15.11 11.92
N GLY A 9 -24.22 -15.14 13.18
CA GLY A 9 -23.61 -14.29 14.19
C GLY A 9 -22.28 -14.84 14.68
N VAL A 10 -22.24 -16.12 15.07
CA VAL A 10 -21.01 -16.70 15.59
C VAL A 10 -19.97 -16.85 14.49
N GLU A 11 -20.39 -17.23 13.29
CA GLU A 11 -19.43 -17.31 12.20
C GLU A 11 -18.86 -15.94 11.86
N GLY A 12 -19.68 -14.89 11.99
CA GLY A 12 -19.16 -13.55 11.78
C GLY A 12 -18.10 -13.15 12.79
N ALA A 13 -18.22 -13.64 14.02
CA ALA A 13 -17.24 -13.28 15.04
C ALA A 13 -15.88 -13.88 14.73
N ALA A 14 -15.84 -15.12 14.27
CA ALA A 14 -14.57 -15.68 13.82
C ALA A 14 -13.98 -14.85 12.70
N PHE A 15 -14.79 -14.52 11.71
CA PHE A 15 -14.29 -13.72 10.60
C PHE A 15 -13.75 -12.38 11.08
N GLN A 16 -14.48 -11.73 11.99
CA GLN A 16 -14.01 -10.46 12.55
C GLN A 16 -12.73 -10.64 13.36
N SER A 17 -12.45 -11.85 13.82
CA SER A 17 -11.21 -12.13 14.55
C SER A 17 -10.14 -12.73 13.65
N ARG A 18 -10.36 -12.78 12.35
CA ARG A 18 -9.39 -13.32 11.42
C ARG A 18 -9.14 -14.80 11.71
N LEU A 19 -10.21 -15.50 12.07
CA LEU A 19 -10.10 -16.92 12.33
C LEU A 19 -11.03 -17.70 11.43
N PRO A 20 -10.63 -18.89 10.99
CA PRO A 20 -11.57 -19.79 10.31
C PRO A 20 -12.66 -20.21 11.27
N HIS A 21 -13.91 -19.98 10.87
CA HIS A 21 -15.00 -20.23 11.80
C HIS A 21 -15.25 -21.72 12.03
N ASP A 22 -14.75 -22.58 11.15
CA ASP A 22 -15.13 -23.99 11.15
C ASP A 22 -13.95 -24.93 11.31
N ARG A 23 -12.78 -24.42 11.70
CA ARG A 23 -11.67 -25.30 12.05
C ARG A 23 -10.75 -24.55 13.01
N MET A 24 -9.84 -25.29 13.60
CA MET A 24 -8.91 -24.75 14.57
C MET A 24 -7.64 -24.28 13.88
N THR A 25 -7.10 -23.15 14.33
CA THR A 25 -5.82 -22.75 13.80
C THR A 25 -4.71 -23.62 14.38
N SER A 26 -3.55 -23.56 13.74
CA SER A 26 -2.37 -24.23 14.27
C SER A 26 -2.08 -23.78 15.69
N GLN A 27 -2.23 -22.48 15.94
CA GLN A 27 -2.02 -21.93 17.26
C GLN A 27 -2.96 -22.56 18.27
N GLU A 28 -4.24 -22.68 17.91
CA GLU A 28 -5.20 -23.32 18.80
C GLU A 28 -4.90 -24.80 18.95
N ALA A 29 -4.43 -25.45 17.90
CA ALA A 29 -4.09 -26.87 18.00
C ALA A 29 -2.95 -27.10 19.00
N ALA A 30 -2.03 -26.14 19.12
CA ALA A 30 -0.92 -26.30 20.04
C ALA A 30 -1.39 -26.19 21.48
N CYS A 31 -2.15 -25.15 21.79
CA CYS A 31 -2.63 -24.92 23.15
C CYS A 31 -3.76 -25.86 23.56
N PHE A 32 -4.38 -26.57 22.62
CA PHE A 32 -5.49 -27.48 22.91
C PHE A 32 -5.27 -28.84 22.25
N PRO A 33 -4.13 -29.48 22.51
CA PRO A 33 -3.86 -30.75 21.81
C PRO A 33 -4.89 -31.82 22.08
N ASP A 34 -5.41 -31.89 23.30
CA ASP A 34 -6.40 -32.89 23.63
C ASP A 34 -7.65 -32.75 22.77
N ILE A 35 -7.93 -31.53 22.30
CA ILE A 35 -9.08 -31.33 21.41
C ILE A 35 -8.79 -31.93 20.05
N ILE A 36 -7.58 -31.68 19.52
CA ILE A 36 -7.20 -32.22 18.21
C ILE A 36 -7.31 -33.74 18.19
N SER A 37 -6.66 -34.40 19.14
CA SER A 37 -6.69 -35.85 19.20
C SER A 37 -8.04 -36.40 19.64
N GLY A 38 -8.96 -35.55 20.08
CA GLY A 38 -10.23 -36.00 20.60
C GLY A 38 -11.24 -36.26 19.50
N PRO A 39 -12.43 -36.66 19.90
CA PRO A 39 -13.50 -36.93 18.93
C PRO A 39 -13.87 -35.67 18.16
N GLN A 40 -14.41 -35.89 16.96
CA GLN A 40 -14.83 -34.76 16.13
C GLN A 40 -15.87 -33.91 16.84
N GLN A 41 -16.77 -34.55 17.58
CA GLN A 41 -17.84 -33.81 18.25
C GLN A 41 -17.27 -32.74 19.17
N THR A 42 -16.34 -33.12 20.04
CA THR A 42 -15.77 -32.16 20.99
C THR A 42 -15.09 -30.99 20.27
N GLN A 43 -14.46 -31.25 19.12
CA GLN A 43 -13.88 -30.17 18.33
C GLN A 43 -14.95 -29.19 17.89
N LYS A 44 -16.08 -29.71 17.39
CA LYS A 44 -17.19 -28.84 17.02
C LYS A 44 -17.66 -28.01 18.21
N VAL A 45 -17.61 -28.58 19.42
CA VAL A 45 -18.02 -27.86 20.63
C VAL A 45 -16.99 -26.79 20.96
N PHE A 46 -15.70 -27.12 20.85
CA PHE A 46 -14.66 -26.12 21.03
C PHE A 46 -14.90 -24.91 20.15
N LEU A 47 -15.04 -25.14 18.84
CA LEU A 47 -15.17 -24.02 17.92
C LEU A 47 -16.37 -23.16 18.26
N PHE A 48 -17.49 -23.77 18.65
CA PHE A 48 -18.66 -22.97 18.98
C PHE A 48 -18.41 -22.13 20.23
N ILE A 49 -17.72 -22.71 21.22
CA ILE A 49 -17.41 -21.93 22.41
C ILE A 49 -16.50 -20.77 22.05
N ARG A 50 -15.51 -21.01 21.18
CA ARG A 50 -14.60 -19.94 20.79
C ARG A 50 -15.34 -18.83 20.04
N ASN A 51 -16.17 -19.21 19.08
CA ASN A 51 -16.88 -18.21 18.29
C ASN A 51 -17.88 -17.44 19.13
N ARG A 52 -18.64 -18.14 19.96
CA ARG A 52 -19.62 -17.45 20.77
C ARG A 52 -18.95 -16.52 21.77
N THR A 53 -17.78 -16.89 22.29
CA THR A 53 -17.08 -15.98 23.19
C THR A 53 -16.64 -14.73 22.45
N LEU A 54 -16.06 -14.91 21.27
CA LEU A 54 -15.70 -13.77 20.45
C LEU A 54 -16.92 -12.90 20.16
N GLN A 55 -18.07 -13.54 19.90
CA GLN A 55 -19.27 -12.77 19.59
C GLN A 55 -19.68 -11.92 20.77
N LEU A 56 -19.66 -12.49 21.97
CA LEU A 56 -20.02 -11.71 23.15
C LEU A 56 -19.12 -10.49 23.29
N TRP A 57 -17.82 -10.67 23.07
CA TRP A 57 -16.91 -9.55 23.21
C TRP A 57 -17.14 -8.51 22.12
N LEU A 58 -17.21 -8.96 20.87
CA LEU A 58 -17.40 -8.06 19.73
C LEU A 58 -18.75 -7.38 19.76
N ASP A 59 -19.75 -7.98 20.41
CA ASP A 59 -21.05 -7.33 20.47
C ASP A 59 -21.05 -6.17 21.45
N ASN A 60 -20.18 -6.21 22.45
CA ASN A 60 -20.03 -5.10 23.40
C ASN A 60 -18.59 -5.01 23.85
N PRO A 61 -17.73 -4.43 23.03
CA PRO A 61 -16.31 -4.28 23.40
C PRO A 61 -16.04 -3.19 24.42
N LYS A 62 -17.07 -2.54 24.98
CA LYS A 62 -16.80 -1.45 25.90
C LYS A 62 -16.57 -1.95 27.33
N ILE A 63 -17.11 -3.10 27.70
CA ILE A 63 -16.90 -3.66 29.02
C ILE A 63 -16.06 -4.92 28.91
N GLN A 64 -15.31 -5.20 29.97
CA GLN A 64 -14.57 -6.46 30.04
C GLN A 64 -15.54 -7.63 29.97
N LEU A 65 -15.18 -8.65 29.21
CA LEU A 65 -15.95 -9.88 29.10
C LEU A 65 -15.28 -10.93 29.98
N THR A 66 -15.87 -11.17 31.16
CA THR A 66 -15.27 -12.08 32.11
C THR A 66 -15.66 -13.52 31.80
N PHE A 67 -14.88 -14.45 32.37
CA PHE A 67 -15.27 -15.86 32.31
C PHE A 67 -16.68 -16.06 32.82
N GLU A 68 -16.96 -15.57 34.02
CA GLU A 68 -18.29 -15.76 34.62
C GLU A 68 -19.38 -15.29 33.67
N ALA A 69 -19.22 -14.09 33.12
CA ALA A 69 -20.23 -13.55 32.22
C ALA A 69 -20.37 -14.39 30.96
N THR A 70 -19.25 -14.94 30.48
CA THR A 70 -19.31 -15.85 29.35
C THR A 70 -20.12 -17.09 29.71
N LEU A 71 -19.78 -17.73 30.82
CA LEU A 71 -20.50 -18.93 31.24
C LEU A 71 -21.99 -18.67 31.37
N GLN A 72 -22.37 -17.47 31.78
CA GLN A 72 -23.78 -17.19 31.96
C GLN A 72 -24.51 -16.93 30.66
N GLN A 73 -23.80 -16.58 29.60
CA GLN A 73 -24.47 -16.26 28.35
C GLN A 73 -24.38 -17.38 27.32
N LEU A 74 -23.76 -18.50 27.68
CA LEU A 74 -23.83 -19.71 26.87
C LEU A 74 -25.14 -20.43 27.13
N GLU A 75 -25.72 -21.00 26.08
CA GLU A 75 -26.88 -21.86 26.22
C GLU A 75 -26.43 -23.27 26.56
N ALA A 76 -27.37 -24.08 27.04
CA ALA A 76 -27.08 -25.49 27.23
C ALA A 76 -26.83 -26.14 25.87
N PRO A 77 -25.96 -27.16 25.80
CA PRO A 77 -25.20 -27.80 26.87
C PRO A 77 -23.83 -27.18 27.04
N TYR A 78 -23.60 -26.08 26.32
CA TYR A 78 -22.29 -25.45 26.35
C TYR A 78 -21.99 -24.84 27.71
N ASN A 79 -22.97 -24.15 28.30
CA ASN A 79 -22.80 -23.59 29.64
C ASN A 79 -22.65 -24.65 30.75
N SER A 80 -22.59 -25.94 30.41
CA SER A 80 -22.41 -27.00 31.39
C SER A 80 -21.00 -27.57 31.41
N ASP A 81 -20.17 -27.24 30.42
CA ASP A 81 -18.79 -27.71 30.36
C ASP A 81 -17.86 -26.61 30.85
N THR A 82 -17.93 -26.38 32.17
CA THR A 82 -17.28 -25.22 32.77
C THR A 82 -15.79 -25.20 32.51
N VAL A 83 -15.14 -26.37 32.56
CA VAL A 83 -13.70 -26.41 32.41
C VAL A 83 -13.30 -25.97 31.01
N LEU A 84 -13.95 -26.53 29.99
CA LEU A 84 -13.60 -26.16 28.62
C LEU A 84 -13.86 -24.68 28.38
N VAL A 85 -14.94 -24.14 28.94
CA VAL A 85 -15.23 -22.73 28.74
C VAL A 85 -14.12 -21.86 29.32
N HIS A 86 -13.63 -22.21 30.50
CA HIS A 86 -12.53 -21.44 31.08
C HIS A 86 -11.30 -21.51 30.20
N ARG A 87 -10.91 -22.73 29.78
CA ARG A 87 -9.76 -22.88 28.90
C ARG A 87 -9.85 -21.99 27.68
N VAL A 88 -11.01 -22.00 27.01
CA VAL A 88 -11.19 -21.18 25.81
C VAL A 88 -11.11 -19.69 26.16
N HIS A 89 -11.85 -19.27 27.19
CA HIS A 89 -11.84 -17.86 27.55
C HIS A 89 -10.44 -17.39 27.90
N SER A 90 -9.66 -18.23 28.59
CA SER A 90 -8.31 -17.84 28.96
C SER A 90 -7.42 -17.71 27.73
N TYR A 91 -7.50 -18.68 26.82
CA TYR A 91 -6.72 -18.62 25.59
C TYR A 91 -7.01 -17.31 24.84
N LEU A 92 -8.28 -17.03 24.57
CA LEU A 92 -8.63 -15.84 23.83
C LEU A 92 -8.15 -14.58 24.55
N GLU A 93 -8.30 -14.54 25.87
CA GLU A 93 -7.86 -13.37 26.61
C GLU A 93 -6.35 -13.18 26.52
N ARG A 94 -5.59 -14.26 26.71
CA ARG A 94 -4.14 -14.19 26.68
C ARG A 94 -3.63 -13.70 25.33
N HIS A 95 -4.24 -14.16 24.24
CA HIS A 95 -3.82 -13.78 22.91
C HIS A 95 -4.47 -12.48 22.43
N GLY A 96 -5.06 -11.70 23.33
CA GLY A 96 -5.59 -10.43 22.90
C GLY A 96 -6.77 -10.47 21.95
N LEU A 97 -7.45 -11.62 21.83
CA LEU A 97 -8.63 -11.67 20.97
C LEU A 97 -9.92 -11.26 21.69
N ILE A 98 -9.94 -11.28 23.01
CA ILE A 98 -10.96 -10.56 23.77
C ILE A 98 -10.23 -9.68 24.76
N ASN A 99 -10.97 -8.74 25.35
CA ASN A 99 -10.45 -7.87 26.40
C ASN A 99 -9.13 -7.22 25.97
N PHE A 100 -9.14 -6.62 24.78
CA PHE A 100 -8.05 -5.76 24.34
C PHE A 100 -8.58 -4.36 24.08
N GLY A 101 -7.65 -3.41 23.94
CA GLY A 101 -8.00 -2.03 23.74
C GLY A 101 -8.34 -1.36 25.06
N ILE A 102 -9.30 -0.45 25.05
CA ILE A 102 -9.69 0.25 26.26
C ILE A 102 -11.14 -0.06 26.54
N TYR A 103 -11.40 -0.57 27.74
CA TYR A 103 -12.71 -1.11 28.12
C TYR A 103 -12.86 -0.96 29.63
N LYS A 104 -14.10 -0.95 30.11
CA LYS A 104 -14.34 -0.83 31.54
C LYS A 104 -14.02 -2.16 32.22
N ARG A 105 -13.09 -2.15 33.17
CA ARG A 105 -12.75 -3.38 33.85
C ARG A 105 -13.86 -3.75 34.84
N ILE A 106 -14.25 -5.02 34.83
CA ILE A 106 -15.12 -5.53 35.89
C ILE A 106 -14.29 -5.85 37.13
N LYS A 107 -13.34 -6.75 36.96
CA LYS A 107 -12.34 -7.12 37.96
C LYS A 107 -11.25 -6.06 37.98
N PRO A 108 -11.19 -5.21 39.02
CA PRO A 108 -10.17 -4.16 39.06
C PRO A 108 -8.76 -4.73 39.15
N LEU A 109 -7.78 -3.87 38.87
CA LEU A 109 -6.43 -4.35 38.60
C LEU A 109 -5.80 -4.97 39.85
N PRO A 110 -5.15 -6.12 39.71
CA PRO A 110 -4.47 -6.72 40.87
C PRO A 110 -3.46 -5.73 41.44
N THR A 111 -3.49 -5.56 42.75
CA THR A 111 -2.73 -4.49 43.36
C THR A 111 -1.26 -4.85 43.58
N LYS A 112 -0.93 -6.14 43.61
CA LYS A 112 0.45 -6.60 43.66
C LYS A 112 0.85 -7.03 42.25
N LYS A 113 1.77 -6.29 41.64
CA LYS A 113 2.21 -6.58 40.29
C LYS A 113 3.20 -7.74 40.27
N THR A 114 3.36 -8.32 39.08
CA THR A 114 4.22 -9.49 38.90
C THR A 114 5.09 -9.28 37.66
N GLY A 115 6.38 -9.07 37.86
CA GLY A 115 7.28 -8.83 36.75
C GLY A 115 7.29 -7.38 36.31
N LYS A 116 8.45 -6.87 35.93
CA LYS A 116 8.62 -5.47 35.56
C LYS A 116 9.01 -5.42 34.08
N VAL A 117 8.19 -4.77 33.26
CA VAL A 117 8.44 -4.65 31.84
C VAL A 117 8.58 -3.17 31.49
N ILE A 118 9.69 -2.82 30.88
CA ILE A 118 9.83 -1.53 30.22
C ILE A 118 9.40 -1.69 28.77
N ILE A 119 8.56 -0.79 28.30
CA ILE A 119 8.22 -0.70 26.89
C ILE A 119 8.90 0.54 26.33
N ILE A 120 9.66 0.36 25.26
CA ILE A 120 10.29 1.48 24.55
C ILE A 120 9.33 1.95 23.48
N GLY A 121 8.84 3.16 23.64
CA GLY A 121 7.99 3.72 22.61
C GLY A 121 6.53 3.65 22.95
N SER A 122 5.80 4.72 22.64
CA SER A 122 4.43 4.90 23.08
C SER A 122 3.50 5.10 21.89
N GLY A 123 3.79 4.42 20.78
CA GLY A 123 2.86 4.35 19.67
C GLY A 123 1.86 3.23 19.89
N VAL A 124 1.13 2.91 18.83
CA VAL A 124 0.04 1.95 18.96
C VAL A 124 0.56 0.59 19.39
N SER A 125 1.70 0.15 18.86
CA SER A 125 2.21 -1.15 19.29
C SER A 125 2.57 -1.12 20.76
N GLY A 126 3.27 -0.07 21.21
CA GLY A 126 3.64 0.00 22.62
C GLY A 126 2.43 0.13 23.54
N LEU A 127 1.51 1.03 23.21
CA LEU A 127 0.33 1.21 24.03
C LEU A 127 -0.51 -0.06 24.09
N ALA A 128 -0.68 -0.73 22.95
CA ALA A 128 -1.51 -1.93 22.92
C ALA A 128 -0.92 -3.01 23.82
N ALA A 129 0.38 -3.26 23.70
CA ALA A 129 1.03 -4.20 24.60
C ALA A 129 0.91 -3.75 26.05
N ALA A 130 1.14 -2.46 26.30
CA ALA A 130 1.12 -1.96 27.67
C ALA A 130 -0.23 -2.24 28.34
N ARG A 131 -1.33 -1.90 27.67
CA ARG A 131 -2.63 -2.16 28.27
C ARG A 131 -2.81 -3.64 28.57
N GLN A 132 -2.38 -4.50 27.65
CA GLN A 132 -2.46 -5.94 27.88
C GLN A 132 -1.70 -6.32 29.13
N LEU A 133 -0.41 -5.99 29.16
CA LEU A 133 0.42 -6.38 30.28
C LEU A 133 -0.15 -5.83 31.59
N GLN A 134 -0.68 -4.61 31.57
CA GLN A 134 -1.28 -4.04 32.78
C GLN A 134 -2.53 -4.82 33.17
N SER A 135 -3.28 -5.33 32.19
CA SER A 135 -4.41 -6.18 32.51
C SER A 135 -3.97 -7.53 33.08
N PHE A 136 -2.82 -8.04 32.63
CA PHE A 136 -2.33 -9.31 33.14
C PHE A 136 -1.66 -9.18 34.49
N GLY A 137 -1.60 -7.96 35.03
CA GLY A 137 -1.09 -7.75 36.37
C GLY A 137 0.38 -7.46 36.49
N MET A 138 1.03 -6.97 35.45
CA MET A 138 2.45 -6.71 35.51
C MET A 138 2.71 -5.22 35.74
N ASP A 139 3.96 -4.92 36.07
CA ASP A 139 4.40 -3.54 36.28
C ASP A 139 4.99 -3.05 34.96
N VAL A 140 4.21 -2.25 34.24
CA VAL A 140 4.60 -1.75 32.93
C VAL A 140 4.90 -0.26 33.02
N THR A 141 6.04 0.13 32.48
CA THR A 141 6.36 1.53 32.26
C THR A 141 6.76 1.74 30.81
N LEU A 142 6.17 2.73 30.16
CA LEU A 142 6.61 3.11 28.84
C LEU A 142 7.57 4.28 28.92
N LEU A 143 8.53 4.29 27.99
CA LEU A 143 9.47 5.37 27.81
C LEU A 143 9.31 5.91 26.40
N GLU A 144 8.87 7.15 26.28
CA GLU A 144 8.58 7.78 25.00
C GLU A 144 9.47 9.00 24.85
N ALA A 145 10.11 9.12 23.68
CA ALA A 145 11.04 10.23 23.50
C ALA A 145 10.32 11.53 23.15
N ARG A 146 9.20 11.45 22.44
CA ARG A 146 8.46 12.65 22.10
C ARG A 146 7.76 13.20 23.33
N ASP A 147 7.14 14.37 23.17
CA ASP A 147 6.30 14.95 24.21
C ASP A 147 4.85 14.52 24.08
N ARG A 148 4.59 13.47 23.32
CA ARG A 148 3.23 12.99 23.14
C ARG A 148 3.29 11.50 22.87
N VAL A 149 2.15 10.85 23.08
CA VAL A 149 2.00 9.47 22.63
C VAL A 149 1.54 9.47 21.18
N GLY A 150 1.49 8.28 20.56
CA GLY A 150 0.93 8.09 19.24
C GLY A 150 1.96 7.72 18.16
N GLY A 151 3.23 8.09 18.36
CA GLY A 151 4.25 7.81 17.38
C GLY A 151 3.88 8.28 15.99
N ARG A 152 3.81 7.36 15.04
CA ARG A 152 3.45 7.77 13.69
C ARG A 152 1.95 7.94 13.50
N VAL A 153 1.17 7.96 14.58
CA VAL A 153 -0.17 8.53 14.57
C VAL A 153 -0.05 9.91 15.20
N ALA A 154 -0.20 10.95 14.40
CA ALA A 154 0.10 12.31 14.85
C ALA A 154 -0.94 13.26 14.26
N THR A 155 -1.79 13.82 15.11
CA THR A 155 -2.85 14.70 14.67
C THR A 155 -2.54 16.15 15.02
N PHE A 156 -2.66 17.02 14.04
CA PHE A 156 -2.49 18.45 14.22
C PHE A 156 -3.83 19.08 14.59
N ARG A 157 -3.82 19.93 15.62
CA ARG A 157 -5.05 20.60 16.08
C ARG A 157 -4.75 22.05 16.43
N LYS A 158 -5.44 22.96 15.76
CA LYS A 158 -5.36 24.38 16.06
C LYS A 158 -6.72 24.95 15.67
N GLY A 159 -7.40 25.61 16.59
CA GLY A 159 -8.71 26.14 16.26
C GLY A 159 -9.68 25.05 15.85
N ASN A 160 -10.45 25.32 14.79
CA ASN A 160 -11.37 24.34 14.20
C ASN A 160 -10.65 23.25 13.41
N TYR A 161 -9.35 23.38 13.19
CA TYR A 161 -8.62 22.54 12.24
C TYR A 161 -8.14 21.27 12.90
N VAL A 162 -8.41 20.14 12.26
CA VAL A 162 -7.90 18.82 12.65
C VAL A 162 -7.35 18.17 11.40
N ALA A 163 -6.11 17.66 11.48
CA ALA A 163 -5.49 17.03 10.32
C ALA A 163 -4.42 16.05 10.77
N ASP A 164 -4.42 14.87 10.15
CA ASP A 164 -3.50 13.80 10.49
C ASP A 164 -2.22 13.94 9.67
N LEU A 165 -1.07 13.91 10.35
CA LEU A 165 0.22 13.97 9.68
C LEU A 165 0.87 12.60 9.50
N GLY A 166 0.40 11.59 10.23
CA GLY A 166 0.82 10.23 9.97
C GLY A 166 -0.35 9.43 9.44
N ALA A 167 -0.64 8.29 10.05
CA ALA A 167 -1.76 7.47 9.60
C ALA A 167 -3.07 8.24 9.65
N MET A 168 -3.91 8.03 8.63
CA MET A 168 -5.21 8.68 8.57
C MET A 168 -6.28 7.81 7.96
N VAL A 169 -5.97 6.58 7.56
CA VAL A 169 -6.94 5.74 6.88
C VAL A 169 -7.07 4.42 7.62
N VAL A 170 -8.30 3.93 7.67
CA VAL A 170 -8.67 2.65 8.26
C VAL A 170 -9.12 1.76 7.12
N THR A 171 -8.52 0.58 7.00
CA THR A 171 -8.59 -0.15 5.74
C THR A 171 -9.65 -1.25 5.78
N GLY A 172 -10.90 -0.83 5.82
CA GLY A 172 -11.96 -1.82 5.88
C GLY A 172 -12.09 -2.34 7.29
N LEU A 173 -13.32 -2.61 7.72
CA LEU A 173 -13.53 -3.03 9.10
C LEU A 173 -13.71 -4.54 9.25
N GLY A 174 -14.01 -5.23 8.15
CA GLY A 174 -14.19 -6.66 8.22
C GLY A 174 -12.91 -7.40 8.53
N GLY A 175 -12.78 -7.90 9.76
CA GLY A 175 -11.57 -8.51 10.21
C GLY A 175 -10.61 -7.57 10.89
N ASN A 176 -10.92 -6.27 10.89
CA ASN A 176 -9.98 -5.27 11.34
C ASN A 176 -10.11 -5.04 12.85
N PRO A 177 -9.06 -5.26 13.63
CA PRO A 177 -9.16 -4.97 15.06
C PRO A 177 -9.48 -3.51 15.35
N MET A 178 -9.20 -2.61 14.41
CA MET A 178 -9.57 -1.22 14.65
C MET A 178 -11.08 -1.03 14.68
N ALA A 179 -11.85 -1.99 14.16
CA ALA A 179 -13.30 -1.90 14.34
C ALA A 179 -13.66 -1.91 15.81
N VAL A 180 -12.97 -2.75 16.60
CA VAL A 180 -13.21 -2.77 18.04
C VAL A 180 -12.77 -1.45 18.66
N VAL A 181 -11.54 -1.03 18.37
CA VAL A 181 -11.03 0.19 18.96
C VAL A 181 -11.89 1.40 18.58
N SER A 182 -12.42 1.39 17.36
CA SER A 182 -13.29 2.48 16.94
C SER A 182 -14.52 2.58 17.84
N LYS A 183 -15.16 1.43 18.13
CA LYS A 183 -16.31 1.46 19.03
C LYS A 183 -15.90 1.90 20.44
N GLN A 184 -14.71 1.48 20.88
CA GLN A 184 -14.26 1.77 22.24
C GLN A 184 -13.97 3.25 22.42
N VAL A 185 -13.41 3.89 21.39
CA VAL A 185 -12.85 5.23 21.50
C VAL A 185 -13.74 6.29 20.90
N ASN A 186 -14.74 5.91 20.12
CA ASN A 186 -15.67 6.83 19.46
C ASN A 186 -14.96 7.61 18.34
N MET A 187 -14.27 6.89 17.47
CA MET A 187 -13.72 7.52 16.28
C MET A 187 -14.84 7.84 15.31
N GLU A 188 -14.90 9.08 14.85
CA GLU A 188 -15.75 9.44 13.73
C GLU A 188 -15.07 8.95 12.46
N LEU A 189 -15.60 7.90 11.88
CA LEU A 189 -15.06 7.38 10.64
C LEU A 189 -15.95 7.76 9.48
N ALA A 190 -15.34 7.94 8.31
CA ALA A 190 -16.08 8.33 7.12
C ALA A 190 -15.52 7.64 5.89
N LYS A 191 -16.38 6.93 5.16
CA LYS A 191 -15.96 6.26 3.93
C LYS A 191 -15.36 7.26 2.94
N ILE A 192 -14.35 6.81 2.20
CA ILE A 192 -13.67 7.67 1.24
C ILE A 192 -14.30 7.47 -0.13
N LYS A 193 -14.77 8.58 -0.72
CA LYS A 193 -15.33 8.53 -2.06
C LYS A 193 -14.24 8.24 -3.07
N GLN A 194 -14.54 7.37 -4.03
CA GLN A 194 -13.49 6.80 -4.86
C GLN A 194 -13.02 7.72 -5.97
N LYS A 195 -13.92 8.51 -6.54
CA LYS A 195 -13.59 9.36 -7.68
C LYS A 195 -12.39 10.26 -7.38
N CYS A 196 -11.46 10.35 -8.35
CA CYS A 196 -10.22 11.10 -8.16
C CYS A 196 -9.79 11.72 -9.47
N PRO A 197 -10.33 12.88 -9.80
CA PRO A 197 -9.95 13.54 -11.06
C PRO A 197 -8.50 13.99 -11.02
N LEU A 198 -7.88 13.98 -12.19
CA LEU A 198 -6.48 14.35 -12.35
C LEU A 198 -6.39 15.65 -13.12
N TYR A 199 -5.33 16.41 -12.86
CA TYR A 199 -5.09 17.67 -13.55
C TYR A 199 -3.66 17.70 -14.03
N GLU A 200 -3.48 17.84 -15.34
CA GLU A 200 -2.16 18.02 -15.89
C GLU A 200 -1.51 19.24 -15.27
N ALA A 201 -0.17 19.24 -15.29
CA ALA A 201 0.62 20.29 -14.67
C ALA A 201 0.22 21.69 -15.12
N ASN A 202 -0.47 21.83 -16.25
CA ASN A 202 -0.93 23.13 -16.70
C ASN A 202 -2.27 23.53 -16.08
N GLY A 203 -2.87 22.65 -15.27
CA GLY A 203 -4.16 22.90 -14.66
C GLY A 203 -5.33 22.25 -15.37
N GLN A 204 -5.19 21.94 -16.67
CA GLN A 204 -6.24 21.27 -17.42
C GLN A 204 -6.60 19.93 -16.81
N ALA A 205 -7.89 19.61 -16.84
CA ALA A 205 -8.32 18.30 -16.39
C ALA A 205 -7.95 17.24 -17.40
N VAL A 206 -7.60 16.06 -16.91
CA VAL A 206 -7.36 14.92 -17.77
C VAL A 206 -8.71 14.48 -18.31
N PRO A 207 -8.89 14.45 -19.64
CA PRO A 207 -10.17 13.96 -20.19
C PRO A 207 -10.42 12.51 -19.80
N LYS A 208 -11.69 12.14 -19.76
CA LYS A 208 -12.06 10.81 -19.26
C LYS A 208 -11.51 9.72 -20.15
N GLU A 209 -11.53 9.94 -21.47
CA GLU A 209 -10.94 8.97 -22.39
C GLU A 209 -9.53 8.62 -21.99
N LYS A 210 -8.74 9.62 -21.60
CA LYS A 210 -7.33 9.39 -21.28
C LYS A 210 -7.17 8.84 -19.86
N ASP A 211 -7.83 9.46 -18.87
CA ASP A 211 -7.81 8.93 -17.51
C ASP A 211 -8.14 7.45 -17.52
N GLU A 212 -9.18 7.06 -18.26
CA GLU A 212 -9.53 5.65 -18.40
C GLU A 212 -8.46 4.87 -19.14
N MET A 213 -8.01 5.39 -20.29
CA MET A 213 -7.08 4.64 -21.11
C MET A 213 -5.78 4.40 -20.36
N VAL A 214 -5.21 5.45 -19.77
CA VAL A 214 -3.94 5.31 -19.06
C VAL A 214 -4.09 4.36 -17.89
N GLU A 215 -5.16 4.51 -17.10
CA GLU A 215 -5.33 3.67 -15.93
C GLU A 215 -5.35 2.20 -16.30
N GLN A 216 -6.20 1.83 -17.26
CA GLN A 216 -6.28 0.43 -17.67
C GLN A 216 -4.93 -0.08 -18.13
N GLU A 217 -4.12 0.79 -18.74
CA GLU A 217 -2.79 0.38 -19.15
C GLU A 217 -1.85 0.27 -17.95
N PHE A 218 -2.11 1.03 -16.89
CA PHE A 218 -1.34 0.86 -15.66
C PHE A 218 -1.63 -0.50 -15.04
N ASN A 219 -2.89 -0.91 -14.99
CA ASN A 219 -3.21 -2.23 -14.49
C ASN A 219 -2.53 -3.31 -15.32
N ARG A 220 -2.69 -3.25 -16.65
CA ARG A 220 -2.11 -4.28 -17.50
C ARG A 220 -0.60 -4.37 -17.32
N LEU A 221 0.08 -3.22 -17.30
CA LEU A 221 1.52 -3.23 -17.04
C LEU A 221 1.85 -3.94 -15.73
N LEU A 222 1.08 -3.65 -14.68
CA LEU A 222 1.42 -4.16 -13.36
C LEU A 222 1.16 -5.67 -13.27
N GLU A 223 0.09 -6.15 -13.91
CA GLU A 223 -0.11 -7.59 -13.95
C GLU A 223 1.02 -8.28 -14.69
N ALA A 224 1.56 -7.65 -15.72
CA ALA A 224 2.65 -8.28 -16.47
C ALA A 224 3.86 -8.54 -15.58
N THR A 225 4.22 -7.56 -14.75
CA THR A 225 5.30 -7.78 -13.79
C THR A 225 5.00 -8.95 -12.87
N SER A 226 3.73 -9.13 -12.49
CA SER A 226 3.41 -10.30 -11.67
C SER A 226 3.56 -11.59 -12.46
N TYR A 227 3.12 -11.61 -13.71
CA TYR A 227 3.33 -12.79 -14.55
C TYR A 227 4.81 -13.11 -14.67
N LEU A 228 5.63 -12.08 -14.89
CA LEU A 228 7.07 -12.26 -14.93
C LEU A 228 7.58 -12.94 -13.66
N SER A 229 7.12 -12.46 -12.51
CA SER A 229 7.65 -12.96 -11.25
C SER A 229 7.05 -14.32 -10.90
N HIS A 230 5.72 -14.38 -10.78
CA HIS A 230 5.04 -15.54 -10.24
C HIS A 230 4.61 -16.52 -11.31
N GLN A 231 5.23 -16.50 -12.48
CA GLN A 231 4.93 -17.52 -13.48
C GLN A 231 6.17 -17.83 -14.30
N LEU A 232 7.05 -16.84 -14.47
CA LEU A 232 8.27 -17.02 -15.24
C LEU A 232 9.54 -16.98 -14.39
N ASP A 233 9.40 -16.77 -13.07
CA ASP A 233 10.53 -16.66 -12.14
C ASP A 233 11.58 -15.68 -12.63
N PHE A 234 11.12 -14.49 -13.01
CA PHE A 234 12.02 -13.41 -13.42
C PHE A 234 12.41 -12.57 -12.20
N ASN A 235 13.17 -13.19 -11.31
CA ASN A 235 13.41 -12.59 -10.01
C ASN A 235 14.86 -12.30 -9.70
N VAL A 236 15.82 -12.95 -10.36
CA VAL A 236 17.23 -12.77 -10.10
C VAL A 236 17.94 -12.60 -11.43
N LEU A 237 18.45 -11.40 -11.69
CA LEU A 237 19.06 -11.07 -12.97
C LEU A 237 20.47 -10.56 -12.74
N ASN A 238 21.46 -11.25 -13.32
CA ASN A 238 22.86 -10.88 -13.21
C ASN A 238 23.26 -10.62 -11.76
N ASN A 239 22.99 -11.61 -10.91
CA ASN A 239 23.33 -11.59 -9.48
C ASN A 239 22.44 -10.70 -8.63
N LYS A 240 21.57 -9.89 -9.23
CA LYS A 240 20.84 -8.95 -8.39
C LYS A 240 19.35 -9.24 -8.39
N PRO A 241 18.68 -9.11 -7.24
CA PRO A 241 17.22 -9.29 -7.20
C PRO A 241 16.50 -8.20 -7.97
N VAL A 242 15.45 -8.59 -8.68
CA VAL A 242 14.72 -7.66 -9.54
C VAL A 242 13.82 -6.77 -8.70
N SER A 243 13.85 -5.48 -8.97
CA SER A 243 12.95 -4.55 -8.32
C SER A 243 11.69 -4.39 -9.16
N LEU A 244 10.62 -4.00 -8.48
CA LEU A 244 9.36 -3.72 -9.19
C LEU A 244 9.59 -2.68 -10.27
N GLY A 245 10.30 -1.60 -9.94
CA GLY A 245 10.51 -0.55 -10.92
C GLY A 245 11.26 -1.06 -12.13
N GLN A 246 12.20 -1.98 -11.90
CA GLN A 246 12.98 -2.56 -12.98
C GLN A 246 12.09 -3.38 -13.90
N ALA A 247 11.25 -4.24 -13.31
CA ALA A 247 10.35 -5.05 -14.14
C ALA A 247 9.38 -4.15 -14.90
N LEU A 248 8.90 -3.09 -14.27
CA LEU A 248 8.01 -2.17 -14.95
C LEU A 248 8.67 -1.57 -16.18
N GLU A 249 9.98 -1.29 -16.10
CA GLU A 249 10.68 -0.78 -17.26
C GLU A 249 10.72 -1.83 -18.36
N VAL A 250 10.89 -3.09 -17.97
CA VAL A 250 10.98 -4.18 -18.94
C VAL A 250 9.69 -4.28 -19.76
N VAL A 251 8.55 -4.32 -19.06
CA VAL A 251 7.29 -4.56 -19.74
C VAL A 251 6.87 -3.34 -20.56
N ILE A 252 7.28 -2.15 -20.13
CA ILE A 252 7.07 -0.97 -20.97
C ILE A 252 7.89 -1.11 -22.25
N GLN A 253 9.11 -1.61 -22.13
CA GLN A 253 9.99 -1.69 -23.27
C GLN A 253 9.46 -2.67 -24.31
N LEU A 254 8.77 -3.72 -23.88
CA LEU A 254 8.21 -4.65 -24.85
C LEU A 254 7.01 -4.05 -25.56
N GLN A 255 6.13 -3.37 -24.81
CA GLN A 255 5.04 -2.66 -25.45
C GLN A 255 5.56 -1.64 -26.48
N GLU A 256 6.68 -0.99 -26.16
CA GLU A 256 7.26 -0.06 -27.11
C GLU A 256 7.79 -0.77 -28.34
N LYS A 257 8.45 -1.92 -28.13
CA LYS A 257 8.87 -2.79 -29.23
C LYS A 257 7.68 -3.23 -30.06
N HIS A 258 6.60 -3.64 -29.39
CA HIS A 258 5.40 -4.07 -30.11
C HIS A 258 4.83 -2.93 -30.94
N VAL A 259 4.85 -1.72 -30.42
CA VAL A 259 4.33 -0.59 -31.17
C VAL A 259 5.22 -0.30 -32.38
N LYS A 260 6.53 -0.33 -32.18
CA LYS A 260 7.44 -0.12 -33.29
C LYS A 260 7.29 -1.18 -34.37
N ASP A 261 6.97 -2.42 -33.98
CA ASP A 261 6.92 -3.50 -34.96
C ASP A 261 5.67 -3.44 -35.82
N GLU A 262 4.53 -3.17 -35.21
CA GLU A 262 3.33 -2.98 -36.03
C GLU A 262 3.41 -1.72 -36.85
N GLN A 263 4.23 -0.75 -36.43
CA GLN A 263 4.50 0.39 -37.28
C GLN A 263 5.32 -0.05 -38.50
N ILE A 264 6.29 -0.93 -38.28
CA ILE A 264 7.12 -1.41 -39.38
C ILE A 264 6.29 -2.23 -40.36
N GLU A 265 5.51 -3.20 -39.85
CA GLU A 265 4.65 -3.99 -40.73
C GLU A 265 3.77 -3.10 -41.57
N HIS A 266 3.23 -2.03 -40.98
CA HIS A 266 2.36 -1.13 -41.73
C HIS A 266 3.13 -0.41 -42.83
N TRP A 267 4.31 0.14 -42.51
CA TRP A 267 5.12 0.76 -43.56
C TRP A 267 5.40 -0.24 -44.68
N LYS A 268 5.66 -1.50 -44.33
CA LYS A 268 5.96 -2.50 -45.35
C LYS A 268 4.75 -2.74 -46.24
N LYS A 269 3.56 -2.83 -45.64
CA LYS A 269 2.35 -2.99 -46.44
C LYS A 269 2.14 -1.80 -47.37
N ILE A 270 2.43 -0.58 -46.89
CA ILE A 270 2.29 0.59 -47.73
C ILE A 270 3.23 0.50 -48.92
N VAL A 271 4.52 0.27 -48.66
CA VAL A 271 5.52 0.27 -49.72
C VAL A 271 5.18 -0.79 -50.76
N LYS A 272 4.76 -1.98 -50.31
CA LYS A 272 4.45 -3.05 -51.25
C LYS A 272 3.32 -2.63 -52.19
N THR A 273 2.27 -2.04 -51.65
CA THR A 273 1.16 -1.61 -52.50
C THR A 273 1.60 -0.47 -53.42
N GLN A 274 2.52 0.38 -52.96
CA GLN A 274 3.00 1.45 -53.83
C GLN A 274 3.83 0.90 -54.99
N GLU A 275 4.68 -0.09 -54.72
CA GLU A 275 5.44 -0.72 -55.78
C GLU A 275 4.51 -1.39 -56.78
N GLU A 276 3.50 -2.12 -56.29
CA GLU A 276 2.53 -2.74 -57.18
C GLU A 276 1.90 -1.70 -58.09
N LEU A 277 1.39 -0.61 -57.51
CA LEU A 277 0.79 0.46 -58.31
C LEU A 277 1.82 1.07 -59.26
N LYS A 278 3.04 1.28 -58.78
CA LYS A 278 4.08 1.86 -59.62
C LYS A 278 4.35 0.98 -60.82
N GLU A 279 4.49 -0.32 -60.60
CA GLU A 279 4.72 -1.24 -61.71
C GLU A 279 3.47 -1.40 -62.58
N LEU A 280 2.31 -1.50 -61.95
CA LEU A 280 1.08 -1.63 -62.73
C LEU A 280 0.86 -0.41 -63.62
N LEU A 281 1.06 0.79 -63.08
CA LEU A 281 0.91 1.99 -63.89
C LEU A 281 1.87 1.96 -65.08
N ASN A 282 3.13 1.61 -64.83
CA ASN A 282 4.08 1.50 -65.94
C ASN A 282 3.63 0.48 -66.95
N LYS A 283 3.09 -0.65 -66.50
CA LYS A 283 2.56 -1.67 -67.41
C LYS A 283 1.34 -1.15 -68.16
N MET A 284 0.51 -0.32 -67.50
CA MET A 284 -0.57 0.36 -68.22
C MET A 284 -0.02 1.38 -69.21
N VAL A 285 1.09 2.03 -68.84
CA VAL A 285 1.73 3.00 -69.75
C VAL A 285 2.11 2.31 -71.06
N ASN A 286 2.82 1.19 -70.96
CA ASN A 286 3.24 0.48 -72.16
C ASN A 286 2.04 0.03 -72.99
N LEU A 287 0.91 -0.25 -72.35
CA LEU A 287 -0.25 -0.69 -73.12
C LEU A 287 -0.91 0.47 -73.86
N LYS A 288 -0.94 1.66 -73.26
CA LYS A 288 -1.41 2.82 -74.00
C LYS A 288 -0.56 3.06 -75.23
N GLU A 289 0.76 2.85 -75.11
CA GLU A 289 1.65 2.94 -76.26
C GLU A 289 1.37 1.84 -77.28
N LYS A 290 1.16 0.62 -76.82
CA LYS A 290 0.82 -0.49 -77.71
C LYS A 290 -0.49 -0.21 -78.44
N ILE A 291 -1.46 0.38 -77.74
CA ILE A 291 -2.73 0.74 -78.38
C ILE A 291 -2.55 1.97 -79.26
N LYS A 292 -1.66 2.88 -78.87
CA LYS A 292 -1.34 4.05 -79.70
C LYS A 292 -0.93 3.62 -81.10
N GLU A 293 -0.11 2.58 -81.22
CA GLU A 293 0.38 2.17 -82.52
C GLU A 293 -0.63 1.31 -83.30
N LEU A 294 -1.54 0.63 -82.60
CA LEU A 294 -2.59 -0.12 -83.28
C LEU A 294 -3.78 0.76 -83.63
N HIS A 295 -4.09 1.75 -82.78
CA HIS A 295 -5.07 2.75 -83.17
C HIS A 295 -4.66 3.44 -84.46
N GLN A 296 -3.35 3.54 -84.72
CA GLN A 296 -2.86 4.18 -85.93
C GLN A 296 -3.04 3.29 -87.15
N GLN A 297 -2.86 1.97 -86.99
CA GLN A 297 -3.01 1.08 -88.14
C GLN A 297 -4.47 0.87 -88.50
N TYR A 298 -5.37 0.97 -87.52
CA TYR A 298 -6.79 0.77 -87.79
C TYR A 298 -7.36 1.90 -88.64
N LYS A 299 -6.79 3.10 -88.57
CA LYS A 299 -7.32 4.24 -89.31
C LYS A 299 -7.00 4.17 -90.80
N GLU A 300 -5.83 3.61 -91.15
CA GLU A 300 -5.44 3.53 -92.56
C GLU A 300 -6.42 2.68 -93.35
N ALA A 301 -6.81 1.53 -92.81
CA ALA A 301 -7.79 0.67 -93.44
C ALA A 301 -9.20 1.25 -93.33
N ASP A 309 -11.26 -3.55 -101.34
CA ASP A 309 -10.40 -4.74 -101.30
C ASP A 309 -10.88 -5.73 -100.23
N ILE A 310 -10.76 -7.02 -100.54
CA ILE A 310 -11.24 -8.07 -99.64
C ILE A 310 -10.25 -8.30 -98.50
N THR A 311 -8.95 -8.35 -98.81
CA THR A 311 -7.95 -8.45 -97.76
C THR A 311 -7.93 -7.20 -96.88
N ALA A 312 -8.54 -6.10 -97.34
CA ALA A 312 -8.76 -4.91 -96.53
C ALA A 312 -10.06 -4.99 -95.74
N GLU A 313 -11.12 -5.54 -96.37
CA GLU A 313 -12.38 -5.79 -95.67
C GLU A 313 -12.19 -6.73 -94.50
N PHE A 314 -11.41 -7.79 -94.70
CA PHE A 314 -11.03 -8.67 -93.59
C PHE A 314 -9.96 -8.03 -92.71
N LEU A 315 -9.18 -7.08 -93.25
CA LEU A 315 -8.18 -6.39 -92.44
C LEU A 315 -8.81 -5.54 -91.36
N VAL A 316 -9.98 -4.95 -91.63
CA VAL A 316 -10.65 -4.13 -90.64
C VAL A 316 -11.17 -4.99 -89.50
N LYS A 317 -11.90 -6.06 -89.83
CA LYS A 317 -12.36 -6.99 -88.80
C LYS A 317 -11.21 -7.49 -87.94
N SER A 318 -10.07 -7.74 -88.57
CA SER A 318 -8.90 -8.16 -87.80
C SER A 318 -8.35 -7.03 -86.96
N LYS A 319 -8.21 -5.83 -87.54
CA LYS A 319 -7.72 -4.70 -86.76
C LYS A 319 -8.71 -4.28 -85.68
N HIS A 320 -10.01 -4.42 -85.94
CA HIS A 320 -11.00 -4.14 -84.90
C HIS A 320 -10.98 -5.22 -83.82
N ARG A 321 -10.89 -6.48 -84.23
CA ARG A 321 -10.79 -7.59 -83.27
C ARG A 321 -9.56 -7.45 -82.40
N ASP A 322 -8.47 -6.93 -82.96
CA ASP A 322 -7.24 -6.77 -82.20
C ASP A 322 -7.19 -5.47 -81.41
N LEU A 323 -7.77 -4.38 -81.92
CA LEU A 323 -7.74 -3.12 -81.17
C LEU A 323 -8.62 -3.20 -79.93
N THR A 324 -9.73 -3.92 -79.99
CA THR A 324 -10.58 -4.00 -78.81
C THR A 324 -10.07 -5.04 -77.81
N ALA A 325 -9.26 -6.00 -78.23
CA ALA A 325 -8.71 -6.96 -77.28
C ALA A 325 -7.72 -6.29 -76.34
N LEU A 326 -6.91 -5.35 -76.85
CA LEU A 326 -6.00 -4.62 -76.00
C LEU A 326 -6.72 -3.62 -75.09
N CYS A 327 -7.92 -3.20 -75.47
CA CYS A 327 -8.72 -2.35 -74.60
C CYS A 327 -9.33 -3.16 -73.46
N LYS A 328 -9.67 -4.43 -73.71
CA LYS A 328 -10.04 -5.33 -72.62
C LYS A 328 -8.87 -5.54 -71.67
N GLU A 329 -7.65 -5.67 -72.21
CA GLU A 329 -6.47 -5.76 -71.34
C GLU A 329 -6.34 -4.50 -70.50
N TYR A 330 -6.64 -3.33 -71.07
CA TYR A 330 -6.45 -2.07 -70.37
C TYR A 330 -7.56 -1.83 -69.34
N ASP A 331 -8.83 -1.93 -69.78
CA ASP A 331 -9.94 -1.76 -68.85
C ASP A 331 -9.82 -2.73 -67.68
N GLU A 332 -9.32 -3.94 -67.91
CA GLU A 332 -9.16 -4.91 -66.84
C GLU A 332 -7.98 -4.57 -65.92
N LEU A 333 -6.99 -3.82 -66.41
CA LEU A 333 -5.91 -3.43 -65.51
C LEU A 333 -6.29 -2.21 -64.68
N ALA A 334 -7.03 -1.26 -65.25
CA ALA A 334 -7.51 -0.13 -64.45
C ALA A 334 -8.48 -0.58 -63.36
N GLU A 335 -9.11 -1.74 -63.54
CA GLU A 335 -9.92 -2.36 -62.48
C GLU A 335 -9.03 -2.82 -61.32
N THR A 336 -7.90 -3.46 -61.64
CA THR A 336 -6.91 -3.78 -60.62
C THR A 336 -6.25 -2.53 -60.07
N GLN A 337 -6.03 -1.53 -60.94
CA GLN A 337 -5.53 -0.25 -60.46
C GLN A 337 -6.41 0.29 -59.35
N GLY A 338 -7.73 0.14 -59.49
CA GLY A 338 -8.63 0.67 -58.48
C GLY A 338 -8.55 -0.08 -57.16
N LYS A 339 -8.57 -1.41 -57.20
CA LYS A 339 -8.56 -2.22 -55.99
C LYS A 339 -7.20 -2.19 -55.28
N LEU A 340 -6.16 -1.67 -55.92
CA LEU A 340 -4.92 -1.41 -55.20
C LEU A 340 -4.96 -0.05 -54.50
N GLU A 341 -5.16 1.03 -55.27
CA GLU A 341 -5.16 2.35 -54.66
C GLU A 341 -6.32 2.55 -53.69
N GLU A 342 -7.34 1.70 -53.80
CA GLU A 342 -8.33 1.55 -52.74
C GLU A 342 -7.69 0.97 -51.49
N LYS A 343 -7.06 -0.20 -51.62
CA LYS A 343 -6.36 -0.83 -50.50
C LYS A 343 -5.25 0.06 -49.97
N LEU A 344 -4.61 0.84 -50.84
CA LEU A 344 -3.63 1.82 -50.38
C LEU A 344 -4.27 2.90 -49.53
N GLN A 345 -5.31 3.54 -50.07
CA GLN A 345 -5.92 4.69 -49.40
C GLN A 345 -6.39 4.32 -48.00
N GLU A 346 -6.92 3.11 -47.82
CA GLU A 346 -7.36 2.66 -46.51
C GLU A 346 -6.20 2.45 -45.56
N LEU A 347 -5.03 2.10 -46.07
CA LEU A 347 -3.89 1.87 -45.20
C LEU A 347 -3.22 3.18 -44.79
N GLU A 348 -3.15 4.16 -45.69
CA GLU A 348 -2.69 5.49 -45.32
C GLU A 348 -3.61 6.17 -44.32
N ALA A 349 -4.82 5.65 -44.15
CA ALA A 349 -5.80 6.23 -43.24
C ALA A 349 -5.93 5.46 -41.94
N ASN A 350 -5.39 4.24 -41.86
CA ASN A 350 -5.47 3.49 -40.61
C ASN A 350 -4.13 3.18 -39.96
N PRO A 351 -3.19 4.12 -39.85
CA PRO A 351 -1.92 3.81 -39.18
C PRO A 351 -2.16 3.21 -37.81
N PRO A 352 -1.34 2.24 -37.41
CA PRO A 352 -1.29 1.87 -35.98
C PRO A 352 -0.68 2.99 -35.15
N SER A 353 -0.71 2.80 -33.84
CA SER A 353 -0.21 3.81 -32.92
C SER A 353 1.17 4.28 -33.34
N ASP A 354 1.40 5.59 -33.22
CA ASP A 354 2.73 6.12 -33.51
C ASP A 354 3.71 5.79 -32.38
N VAL A 355 3.28 5.97 -31.13
CA VAL A 355 4.09 5.60 -29.96
C VAL A 355 3.20 4.90 -28.96
N TYR A 356 3.84 4.08 -28.11
CA TYR A 356 3.10 3.44 -27.04
C TYR A 356 2.48 4.48 -26.11
N LEU A 357 3.28 5.43 -25.66
CA LEU A 357 2.84 6.47 -24.74
C LEU A 357 3.17 7.83 -25.32
N SER A 358 2.16 8.69 -25.44
CA SER A 358 2.49 10.07 -25.77
C SER A 358 3.10 10.74 -24.55
N SER A 359 3.74 11.89 -24.79
CA SER A 359 4.41 12.60 -23.72
C SER A 359 3.46 12.88 -22.57
N ARG A 360 2.26 13.36 -22.88
CA ARG A 360 1.25 13.53 -21.84
C ARG A 360 0.81 12.19 -21.26
N ASP A 361 0.63 11.18 -22.12
CA ASP A 361 0.21 9.86 -21.65
C ASP A 361 1.17 9.33 -20.60
N ARG A 362 2.48 9.47 -20.85
CA ARG A 362 3.47 8.97 -19.89
C ARG A 362 3.45 9.79 -18.60
N GLN A 363 3.26 11.10 -18.70
CA GLN A 363 3.14 11.92 -17.49
C GLN A 363 1.96 11.48 -16.64
N ILE A 364 0.83 11.18 -17.30
CA ILE A 364 -0.32 10.69 -16.57
C ILE A 364 -0.03 9.32 -15.98
N LEU A 365 0.70 8.49 -16.73
CA LEU A 365 1.04 7.16 -16.21
C LEU A 365 1.97 7.28 -15.02
N ASP A 366 2.87 8.27 -15.05
CA ASP A 366 3.75 8.47 -13.91
C ASP A 366 2.94 8.79 -12.65
N TRP A 367 1.76 9.39 -12.81
CA TRP A 367 0.90 9.64 -11.66
C TRP A 367 0.55 8.34 -10.96
N HIS A 368 0.08 7.35 -11.74
CA HIS A 368 -0.29 6.07 -11.15
C HIS A 368 0.89 5.39 -10.48
N PHE A 369 2.09 5.53 -11.08
CA PHE A 369 3.29 5.02 -10.44
C PHE A 369 3.53 5.71 -9.11
N ALA A 370 3.42 7.04 -9.11
CA ALA A 370 3.57 7.79 -7.86
C ALA A 370 2.56 7.31 -6.83
N ASN A 371 1.31 7.10 -7.25
CA ASN A 371 0.30 6.60 -6.33
C ASN A 371 0.74 5.30 -5.68
N LEU A 372 1.46 4.46 -6.42
CA LEU A 372 1.96 3.22 -5.86
C LEU A 372 3.20 3.45 -5.00
N GLU A 373 4.02 4.45 -5.34
CA GLU A 373 5.10 4.85 -4.46
C GLU A 373 4.56 5.47 -3.17
N PHE A 374 3.37 6.06 -3.23
CA PHE A 374 2.69 6.50 -2.02
C PHE A 374 2.34 5.29 -1.15
N ALA A 375 1.60 4.34 -1.71
CA ALA A 375 1.14 3.18 -0.96
C ALA A 375 2.28 2.39 -0.29
N ASN A 376 3.46 2.39 -0.89
CA ASN A 376 4.57 1.61 -0.38
C ASN A 376 5.65 2.47 0.28
N ALA A 377 5.51 3.79 0.20
CA ALA A 377 6.41 4.76 0.84
C ALA A 377 7.82 4.74 0.28
N THR A 378 8.04 4.21 -0.92
CA THR A 378 9.39 4.09 -1.42
C THR A 378 9.35 4.13 -2.94
N PRO A 379 10.43 4.53 -3.59
CA PRO A 379 10.44 4.45 -5.05
C PRO A 379 10.34 3.00 -5.51
N LEU A 380 9.64 2.79 -6.63
CA LEU A 380 9.39 1.44 -7.11
C LEU A 380 10.68 0.67 -7.34
N SER A 381 11.73 1.36 -7.78
CA SER A 381 12.96 0.64 -8.03
C SER A 381 13.58 0.04 -6.76
N THR A 382 12.97 0.23 -5.58
CA THR A 382 13.51 -0.36 -4.37
C THR A 382 12.73 -1.57 -3.89
N LEU A 383 11.50 -1.74 -4.38
CA LEU A 383 10.61 -2.82 -3.95
C LEU A 383 11.02 -4.17 -4.50
N SER A 384 10.88 -5.21 -3.69
CA SER A 384 11.09 -6.58 -4.16
C SER A 384 10.00 -6.96 -5.15
N LEU A 385 10.41 -7.25 -6.39
CA LEU A 385 9.45 -7.70 -7.41
C LEU A 385 8.64 -8.90 -6.92
N LYS A 386 9.31 -9.92 -6.39
CA LYS A 386 8.63 -11.14 -5.99
C LYS A 386 7.65 -10.91 -4.84
N HIS A 387 8.05 -10.12 -3.84
CA HIS A 387 7.36 -10.12 -2.55
C HIS A 387 6.72 -8.81 -2.14
N TRP A 388 6.76 -7.76 -2.96
CA TRP A 388 6.36 -6.45 -2.45
C TRP A 388 4.91 -6.43 -1.96
N ASP A 389 4.07 -7.33 -2.46
CA ASP A 389 2.67 -7.38 -2.05
C ASP A 389 2.32 -8.73 -1.41
N GLN A 390 3.26 -9.29 -0.64
CA GLN A 390 3.05 -10.62 -0.08
C GLN A 390 1.91 -10.64 0.94
N ASP A 391 1.52 -9.48 1.46
CA ASP A 391 0.45 -9.39 2.44
C ASP A 391 -0.94 -9.26 1.83
N ASP A 392 -1.07 -9.32 0.50
CA ASP A 392 -2.35 -9.00 -0.11
C ASP A 392 -3.46 -9.97 0.29
N ASP A 393 -3.11 -11.22 0.60
CA ASP A 393 -4.16 -12.17 0.96
C ASP A 393 -4.79 -11.86 2.32
N PHE A 394 -4.38 -10.78 3.00
CA PHE A 394 -4.84 -10.49 4.34
C PHE A 394 -5.64 -9.19 4.43
N GLU A 395 -5.90 -8.53 3.30
CA GLU A 395 -6.70 -7.32 3.28
C GLU A 395 -8.07 -7.54 3.94
N PHE A 396 -8.56 -6.50 4.60
CA PHE A 396 -9.86 -6.54 5.22
C PHE A 396 -10.94 -6.19 4.20
N THR A 397 -12.15 -6.67 4.47
CA THR A 397 -13.27 -6.33 3.61
C THR A 397 -13.94 -5.04 4.10
N GLY A 398 -14.54 -4.33 3.17
CA GLY A 398 -15.22 -3.09 3.46
C GLY A 398 -14.51 -1.89 2.85
N SER A 399 -15.24 -0.80 2.74
CA SER A 399 -14.64 0.41 2.21
C SER A 399 -13.65 1.00 3.23
N HIS A 400 -12.72 1.81 2.72
CA HIS A 400 -11.77 2.53 3.56
C HIS A 400 -12.40 3.78 4.16
N LEU A 401 -11.89 4.17 5.34
CA LEU A 401 -12.43 5.30 6.07
C LEU A 401 -11.29 6.19 6.57
N THR A 402 -11.60 7.45 6.77
CA THR A 402 -10.70 8.42 7.39
C THR A 402 -11.24 8.79 8.74
N VAL A 403 -10.34 9.22 9.62
CA VAL A 403 -10.70 9.49 11.01
C VAL A 403 -11.02 10.98 11.11
N ARG A 404 -12.30 11.32 11.04
CA ARG A 404 -12.65 12.73 10.87
C ARG A 404 -12.30 13.54 12.11
N ASN A 405 -12.25 12.93 13.30
CA ASN A 405 -11.83 13.65 14.50
C ASN A 405 -10.35 13.44 14.83
N GLY A 406 -9.55 12.96 13.87
CA GLY A 406 -8.13 12.81 14.10
C GLY A 406 -7.74 11.48 14.73
N TYR A 407 -6.86 10.75 14.03
CA TYR A 407 -6.48 9.42 14.50
C TYR A 407 -5.84 9.44 15.89
N SER A 408 -5.26 10.56 16.32
CA SER A 408 -4.65 10.63 17.65
C SER A 408 -5.63 10.24 18.77
N CYS A 409 -6.94 10.30 18.52
CA CYS A 409 -7.88 9.91 19.56
C CYS A 409 -7.65 8.46 20.01
N VAL A 410 -7.10 7.61 19.15
CA VAL A 410 -6.88 6.20 19.50
C VAL A 410 -5.73 6.07 20.50
N PRO A 411 -4.49 6.48 20.18
CA PRO A 411 -3.42 6.31 21.19
C PRO A 411 -3.65 7.13 22.44
N VAL A 412 -4.37 8.26 22.33
CA VAL A 412 -4.65 9.04 23.53
C VAL A 412 -5.61 8.29 24.42
N ALA A 413 -6.66 7.69 23.85
CA ALA A 413 -7.50 6.82 24.65
C ALA A 413 -6.71 5.64 25.22
N LEU A 414 -5.87 5.02 24.40
CA LEU A 414 -5.08 3.88 24.87
C LEU A 414 -4.17 4.25 26.04
N ALA A 415 -3.76 5.51 26.14
CA ALA A 415 -2.78 5.91 27.12
C ALA A 415 -3.36 6.05 28.52
N GLU A 416 -4.68 5.97 28.68
CA GLU A 416 -5.30 6.30 29.95
C GLU A 416 -4.89 5.29 31.01
N GLY A 417 -4.34 5.79 32.12
CA GLY A 417 -3.95 4.95 33.24
C GLY A 417 -2.61 4.28 33.13
N LEU A 418 -1.85 4.55 32.07
CA LEU A 418 -0.56 3.91 31.92
C LEU A 418 0.54 4.77 32.54
N ASP A 419 1.57 4.10 33.05
CA ASP A 419 2.76 4.79 33.54
C ASP A 419 3.64 5.13 32.34
N ILE A 420 3.44 6.33 31.78
CA ILE A 420 4.12 6.74 30.56
C ILE A 420 5.04 7.92 30.88
N LYS A 421 6.33 7.74 30.62
CA LYS A 421 7.34 8.77 30.83
C LYS A 421 7.64 9.40 29.48
N LEU A 422 7.05 10.57 29.22
CA LEU A 422 7.33 11.33 28.01
C LEU A 422 8.67 12.06 28.12
N ASN A 423 9.15 12.56 26.97
CA ASN A 423 10.41 13.32 26.91
C ASN A 423 11.56 12.51 27.49
N THR A 424 11.44 11.20 27.41
CA THR A 424 12.41 10.27 27.96
C THR A 424 12.91 9.42 26.80
N ALA A 425 14.07 9.78 26.27
CA ALA A 425 14.63 9.11 25.09
C ALA A 425 15.60 8.03 25.53
N VAL A 426 15.36 6.79 25.09
CA VAL A 426 16.25 5.69 25.41
C VAL A 426 17.54 5.81 24.62
N ARG A 427 18.67 5.67 25.30
CA ARG A 427 19.98 5.67 24.64
C ARG A 427 20.67 4.32 24.64
N GLN A 428 20.29 3.40 25.53
CA GLN A 428 21.01 2.14 25.62
C GLN A 428 20.16 1.08 26.31
N VAL A 429 20.17 -0.13 25.77
CA VAL A 429 19.40 -1.25 26.29
C VAL A 429 20.35 -2.37 26.69
N ARG A 430 20.52 -2.56 27.99
CA ARG A 430 21.35 -3.62 28.55
C ARG A 430 20.47 -4.80 28.93
N TYR A 431 20.78 -5.98 28.39
CA TYR A 431 20.03 -7.18 28.77
C TYR A 431 20.99 -8.32 29.06
N THR A 432 20.72 -9.05 30.13
CA THR A 432 21.49 -10.23 30.51
C THR A 432 20.55 -11.30 31.03
N ALA A 433 21.12 -12.48 31.26
CA ALA A 433 20.38 -13.64 31.74
C ALA A 433 19.73 -13.42 33.09
N SER A 434 20.04 -12.31 33.78
CA SER A 434 19.48 -12.05 35.10
C SER A 434 18.50 -10.89 35.13
N GLY A 435 18.41 -10.09 34.07
CA GLY A 435 17.50 -8.97 34.05
C GLY A 435 17.97 -7.95 33.02
N CYS A 436 17.34 -6.78 33.09
CA CYS A 436 17.57 -5.75 32.08
C CYS A 436 17.69 -4.37 32.73
N GLU A 437 18.35 -3.48 31.99
CA GLU A 437 18.48 -2.08 32.36
C GLU A 437 18.35 -1.23 31.11
N VAL A 438 17.43 -0.28 31.14
CA VAL A 438 17.26 0.69 30.07
C VAL A 438 17.79 2.03 30.56
N ILE A 439 18.61 2.68 29.75
CA ILE A 439 19.21 3.96 30.10
C ILE A 439 18.64 5.03 29.17
N ALA A 440 18.11 6.11 29.75
CA ALA A 440 17.45 7.15 28.98
C ALA A 440 17.85 8.54 29.46
N VAL A 441 17.65 9.53 28.61
CA VAL A 441 17.93 10.92 28.96
C VAL A 441 16.65 11.73 28.77
N ASN A 442 16.51 12.76 29.61
CA ASN A 442 15.42 13.71 29.47
C ASN A 442 15.73 14.61 28.27
N THR A 443 14.82 14.63 27.30
CA THR A 443 15.11 15.39 26.08
C THR A 443 15.07 16.90 26.31
N ARG A 444 14.60 17.34 27.48
CA ARG A 444 14.56 18.75 27.82
C ARG A 444 15.78 19.21 28.60
N SER A 445 16.51 18.27 29.20
CA SER A 445 17.72 18.55 29.97
C SER A 445 18.56 17.28 29.89
N THR A 446 19.17 17.05 28.72
CA THR A 446 19.84 15.79 28.39
C THR A 446 20.98 15.44 29.35
N SER A 447 21.34 16.35 30.26
CA SER A 447 22.25 15.98 31.34
C SER A 447 21.57 15.05 32.34
N GLN A 448 20.24 15.14 32.46
CA GLN A 448 19.49 14.29 33.37
C GLN A 448 19.35 12.88 32.76
N THR A 449 19.78 11.87 33.52
CA THR A 449 19.84 10.49 33.07
C THR A 449 18.96 9.61 33.94
N PHE A 450 18.39 8.57 33.35
CA PHE A 450 17.54 7.62 34.06
C PHE A 450 18.03 6.19 33.80
N ILE A 451 17.91 5.33 34.81
CA ILE A 451 18.31 3.91 34.73
C ILE A 451 17.11 3.10 35.20
N TYR A 452 16.49 2.33 34.29
CA TYR A 452 15.29 1.56 34.62
C TYR A 452 15.62 0.07 34.64
N LYS A 453 15.69 -0.51 35.83
CA LYS A 453 15.82 -1.96 35.97
C LYS A 453 14.50 -2.64 35.61
N CYS A 454 14.59 -3.83 35.03
CA CYS A 454 13.37 -4.58 34.73
C CYS A 454 13.72 -6.01 34.37
N ASP A 455 12.68 -6.82 34.22
CA ASP A 455 12.82 -8.22 33.85
C ASP A 455 12.76 -8.46 32.35
N ALA A 456 12.17 -7.54 31.59
CA ALA A 456 12.05 -7.70 30.15
C ALA A 456 11.88 -6.33 29.52
N VAL A 457 12.37 -6.20 28.30
CA VAL A 457 12.27 -4.98 27.52
C VAL A 457 11.49 -5.31 26.25
N LEU A 458 10.41 -4.57 26.01
CA LEU A 458 9.67 -4.65 24.77
C LEU A 458 10.05 -3.45 23.92
N CYS A 459 10.69 -3.69 22.80
CA CYS A 459 11.23 -2.66 21.94
C CYS A 459 10.28 -2.48 20.76
N THR A 460 9.60 -1.33 20.71
CA THR A 460 8.80 -0.94 19.56
C THR A 460 9.44 0.21 18.80
N LEU A 461 10.76 0.33 18.86
CA LEU A 461 11.44 1.38 18.12
C LEU A 461 11.21 1.19 16.63
N PRO A 462 10.97 2.27 15.88
CA PRO A 462 10.73 2.13 14.44
C PRO A 462 11.94 1.56 13.71
N LEU A 463 11.67 0.83 12.62
CA LEU A 463 12.73 0.24 11.84
C LEU A 463 13.76 1.29 11.42
N GLY A 464 13.28 2.50 11.11
CA GLY A 464 14.19 3.59 10.80
C GLY A 464 15.16 3.91 11.93
N VAL A 465 14.69 3.81 13.17
CA VAL A 465 15.59 4.04 14.30
C VAL A 465 16.53 2.87 14.47
N LEU A 466 16.04 1.64 14.26
CA LEU A 466 16.93 0.49 14.35
C LEU A 466 17.99 0.51 13.25
N LYS A 467 17.66 1.05 12.07
CA LYS A 467 18.63 1.10 10.98
C LYS A 467 19.66 2.21 11.17
N GLN A 468 19.39 3.16 12.07
CA GLN A 468 20.24 4.33 12.20
C GLN A 468 21.68 3.93 12.42
N GLN A 469 22.55 4.42 11.54
CA GLN A 469 23.99 4.29 11.70
C GLN A 469 24.60 5.68 11.77
N PRO A 470 25.34 6.03 12.83
CA PRO A 470 25.59 5.24 14.05
C PRO A 470 24.31 5.07 14.86
N PRO A 471 24.22 4.06 15.73
CA PRO A 471 22.94 3.76 16.40
C PRO A 471 22.49 4.88 17.33
N ALA A 472 21.18 5.15 17.32
CA ALA A 472 20.61 6.04 18.32
C ALA A 472 20.43 5.31 19.65
N VAL A 473 20.21 4.00 19.61
CA VAL A 473 20.04 3.18 20.81
C VAL A 473 21.08 2.07 20.76
N GLN A 474 21.96 2.04 21.76
CA GLN A 474 22.96 1.00 21.87
C GLN A 474 22.40 -0.21 22.59
N PHE A 475 22.70 -1.40 22.07
CA PHE A 475 22.29 -2.65 22.68
C PHE A 475 23.48 -3.37 23.28
N VAL A 476 23.34 -3.82 24.52
CA VAL A 476 24.43 -4.45 25.27
C VAL A 476 23.93 -5.78 25.83
N PRO A 477 24.42 -6.92 25.31
CA PRO A 477 25.36 -7.09 24.20
C PRO A 477 24.70 -6.70 22.88
N PRO A 478 25.50 -6.45 21.84
CA PRO A 478 24.91 -6.06 20.55
C PRO A 478 23.97 -7.13 20.04
N LEU A 479 23.00 -6.70 19.23
CA LEU A 479 22.02 -7.63 18.69
C LEU A 479 22.70 -8.70 17.83
N PRO A 480 22.14 -9.91 17.77
CA PRO A 480 22.78 -10.98 17.01
C PRO A 480 22.72 -10.69 15.52
N GLU A 481 23.69 -11.24 14.81
CA GLU A 481 23.80 -11.02 13.37
C GLU A 481 22.48 -11.29 12.66
N TRP A 482 21.82 -12.40 13.00
CA TRP A 482 20.59 -12.76 12.30
C TRP A 482 19.51 -11.70 12.48
N LYS A 483 19.60 -10.89 13.52
CA LYS A 483 18.65 -9.81 13.69
C LYS A 483 19.10 -8.54 12.98
N THR A 484 20.38 -8.21 13.07
CA THR A 484 20.88 -7.01 12.38
C THR A 484 20.83 -7.18 10.87
N SER A 485 21.10 -8.40 10.37
CA SER A 485 20.97 -8.63 8.94
C SER A 485 19.56 -8.34 8.46
N ALA A 486 18.57 -8.79 9.23
CA ALA A 486 17.19 -8.52 8.87
C ALA A 486 16.95 -7.02 8.81
N VAL A 487 17.39 -6.30 9.84
CA VAL A 487 17.17 -4.85 9.90
C VAL A 487 17.79 -4.16 8.70
N GLN A 488 19.00 -4.57 8.30
CA GLN A 488 19.64 -3.94 7.18
C GLN A 488 18.91 -4.25 5.87
N ARG A 489 18.51 -5.52 5.67
CA ARG A 489 17.82 -5.89 4.44
C ARG A 489 16.53 -5.12 4.24
N MET A 490 15.74 -4.98 5.31
CA MET A 490 14.37 -4.50 5.20
C MET A 490 14.33 -3.05 4.76
N GLY A 491 13.26 -2.69 4.05
CA GLY A 491 13.08 -1.32 3.63
C GLY A 491 12.31 -0.50 4.67
N PHE A 492 12.73 0.76 4.81
CA PHE A 492 11.98 1.76 5.55
C PHE A 492 11.78 2.97 4.65
N GLY A 493 10.55 3.19 4.23
CA GLY A 493 10.26 4.22 3.26
C GLY A 493 9.96 5.56 3.88
N ASN A 494 9.46 6.47 3.04
CA ASN A 494 9.16 7.82 3.46
C ASN A 494 7.94 8.30 2.69
N LEU A 495 7.26 9.27 3.28
CA LEU A 495 6.03 9.83 2.76
C LEU A 495 5.72 11.06 3.59
N ASN A 496 5.30 12.14 2.95
CA ASN A 496 5.09 13.36 3.69
C ASN A 496 3.80 14.03 3.25
N LYS A 497 3.28 14.87 4.14
CA LYS A 497 2.06 15.60 3.90
C LYS A 497 2.29 17.09 4.09
N VAL A 498 1.59 17.87 3.30
CA VAL A 498 1.47 19.31 3.49
C VAL A 498 0.02 19.57 3.85
N VAL A 499 -0.21 20.21 4.99
CA VAL A 499 -1.56 20.52 5.45
C VAL A 499 -1.83 21.97 5.14
N LEU A 500 -2.92 22.24 4.43
CA LEU A 500 -3.34 23.60 4.12
C LEU A 500 -4.71 23.85 4.74
N CYS A 501 -4.79 24.86 5.60
CA CYS A 501 -6.03 25.27 6.23
C CYS A 501 -6.45 26.62 5.65
N PHE A 502 -7.66 26.68 5.13
CA PHE A 502 -8.21 27.90 4.55
C PHE A 502 -9.42 28.36 5.34
N ASP A 503 -9.86 29.58 5.04
CA ASP A 503 -11.08 30.08 5.68
C ASP A 503 -12.32 29.78 4.86
N ARG A 504 -12.18 29.27 3.64
CA ARG A 504 -13.33 28.94 2.81
C ARG A 504 -12.94 27.80 1.88
N VAL A 505 -13.89 26.92 1.59
CA VAL A 505 -13.67 25.81 0.66
C VAL A 505 -13.83 26.33 -0.75
N PHE A 506 -12.79 26.18 -1.56
CA PHE A 506 -12.82 26.56 -2.97
C PHE A 506 -12.69 25.37 -3.89
N TRP A 507 -12.58 24.16 -3.36
CA TRP A 507 -12.48 22.96 -4.19
C TRP A 507 -13.84 22.29 -4.29
N ASP A 508 -13.87 21.13 -4.95
CA ASP A 508 -15.10 20.37 -5.05
C ASP A 508 -15.34 19.64 -3.74
N PRO A 509 -16.42 19.94 -3.02
CA PRO A 509 -16.59 19.34 -1.69
C PRO A 509 -16.98 17.88 -1.75
N SER A 510 -17.60 17.45 -2.84
CA SER A 510 -18.07 16.09 -3.00
C SER A 510 -16.97 15.12 -3.41
N VAL A 511 -15.72 15.57 -3.45
CA VAL A 511 -14.59 14.75 -3.86
C VAL A 511 -13.55 14.75 -2.76
N ASN A 512 -13.16 13.55 -2.32
CA ASN A 512 -12.12 13.45 -1.30
C ASN A 512 -10.72 13.61 -1.88
N LEU A 513 -10.52 13.27 -3.15
CA LEU A 513 -9.20 13.16 -3.74
C LEU A 513 -9.14 13.85 -5.08
N PHE A 514 -8.07 14.58 -5.34
CA PHE A 514 -7.80 14.92 -6.73
C PHE A 514 -6.30 14.91 -6.93
N GLY A 515 -5.90 14.62 -8.16
CA GLY A 515 -4.51 14.35 -8.50
C GLY A 515 -3.88 15.49 -9.26
N HIS A 516 -2.62 15.78 -8.96
CA HIS A 516 -1.78 16.66 -9.75
C HIS A 516 -0.79 15.80 -10.53
N VAL A 517 -0.86 15.89 -11.85
CA VAL A 517 0.03 15.11 -12.71
C VAL A 517 1.33 15.88 -12.88
N GLY A 518 2.41 15.34 -12.36
CA GLY A 518 3.69 16.01 -12.45
C GLY A 518 4.22 16.06 -13.87
N SER A 519 5.22 16.91 -14.06
CA SER A 519 5.79 17.10 -15.39
C SER A 519 6.85 16.09 -15.75
N THR A 520 7.53 15.49 -14.75
CA THR A 520 8.65 14.60 -15.03
C THR A 520 8.56 13.35 -14.18
N THR A 521 9.19 12.30 -14.69
CA THR A 521 9.19 11.01 -14.01
C THR A 521 9.88 11.09 -12.66
N ALA A 522 11.05 11.73 -12.61
CA ALA A 522 11.80 11.84 -11.37
C ALA A 522 10.94 12.47 -10.27
N SER A 523 10.29 13.59 -10.57
CA SER A 523 9.51 14.35 -9.60
C SER A 523 8.05 13.94 -9.57
N ARG A 524 7.73 12.73 -10.04
CA ARG A 524 6.34 12.35 -10.22
C ARG A 524 5.56 12.30 -8.92
N GLY A 525 6.23 12.28 -7.78
CA GLY A 525 5.57 12.19 -6.50
C GLY A 525 5.48 13.48 -5.71
N GLU A 526 5.90 14.60 -6.28
CA GLU A 526 5.86 15.90 -5.63
C GLU A 526 4.42 16.43 -5.66
N LEU A 527 3.79 16.52 -4.49
CA LEU A 527 2.46 17.13 -4.38
C LEU A 527 1.47 16.50 -5.37
N PHE A 528 1.52 15.19 -5.51
CA PHE A 528 0.78 14.55 -6.58
C PHE A 528 -0.67 14.26 -6.22
N LEU A 529 -1.02 14.16 -4.94
CA LEU A 529 -2.35 13.76 -4.52
C LEU A 529 -2.86 14.68 -3.41
N PHE A 530 -4.04 15.25 -3.62
CA PHE A 530 -4.67 16.13 -2.66
C PHE A 530 -5.85 15.41 -2.01
N TRP A 531 -5.95 15.52 -0.69
CA TRP A 531 -7.03 14.94 0.09
C TRP A 531 -7.89 16.03 0.70
N ASN A 532 -9.20 15.85 0.62
CA ASN A 532 -10.17 16.72 1.29
C ASN A 532 -10.94 15.82 2.25
N LEU A 533 -10.62 15.91 3.52
CA LEU A 533 -11.06 14.89 4.46
C LEU A 533 -11.84 15.40 5.65
N TYR A 534 -11.95 16.70 5.86
CA TYR A 534 -12.27 17.20 7.18
C TYR A 534 -13.41 18.21 7.16
N LYS A 535 -14.00 18.39 8.35
CA LYS A 535 -15.05 19.37 8.55
C LYS A 535 -14.59 20.76 8.11
N ALA A 536 -13.47 21.22 8.66
CA ALA A 536 -12.91 22.51 8.29
C ALA A 536 -12.36 22.46 6.86
N PRO A 537 -12.14 23.62 6.25
CA PRO A 537 -11.57 23.64 4.89
C PRO A 537 -10.09 23.28 4.87
N ILE A 538 -9.77 21.98 4.83
CA ILE A 538 -8.41 21.51 4.88
C ILE A 538 -8.12 20.65 3.66
N LEU A 539 -6.92 20.82 3.10
CA LEU A 539 -6.37 19.97 2.06
C LEU A 539 -5.06 19.36 2.56
N LEU A 540 -4.88 18.07 2.30
CA LEU A 540 -3.59 17.41 2.48
C LEU A 540 -2.97 17.15 1.11
N ALA A 541 -1.72 17.55 0.93
CA ALA A 541 -0.98 17.24 -0.29
C ALA A 541 0.10 16.24 0.05
N LEU A 542 0.12 15.13 -0.68
CA LEU A 542 1.10 14.09 -0.45
C LEU A 542 2.39 14.35 -1.23
N VAL A 543 3.50 13.93 -0.66
CA VAL A 543 4.79 13.97 -1.33
C VAL A 543 5.33 12.56 -1.24
N ALA A 544 5.44 11.89 -2.37
CA ALA A 544 5.73 10.47 -2.37
C ALA A 544 6.97 10.18 -3.20
N GLY A 545 7.45 8.94 -3.08
CA GLY A 545 8.54 8.48 -3.90
C GLY A 545 9.84 9.21 -3.60
N GLU A 546 10.63 9.41 -4.66
CA GLU A 546 11.88 10.14 -4.54
C GLU A 546 11.67 11.55 -4.02
N ALA A 547 10.50 12.14 -4.28
CA ALA A 547 10.27 13.52 -3.85
C ALA A 547 10.23 13.62 -2.33
N ALA A 548 9.65 12.62 -1.65
CA ALA A 548 9.44 12.67 -0.21
C ALA A 548 10.70 13.09 0.54
N GLY A 549 11.78 12.33 0.36
CA GLY A 549 13.00 12.63 1.10
C GLY A 549 13.62 13.96 0.69
N ILE A 550 13.60 14.26 -0.61
CA ILE A 550 14.24 15.46 -1.12
C ILE A 550 13.49 16.72 -0.70
N MET A 551 12.15 16.68 -0.74
CA MET A 551 11.34 17.83 -0.38
C MET A 551 11.51 18.25 1.07
N GLU A 552 11.90 17.32 1.96
CA GLU A 552 12.12 17.71 3.35
C GLU A 552 13.13 18.84 3.49
N ASN A 553 13.99 19.05 2.49
CA ASN A 553 14.96 20.13 2.55
C ASN A 553 14.40 21.46 2.05
N ILE A 554 13.11 21.56 1.78
CA ILE A 554 12.48 22.82 1.39
C ILE A 554 11.79 23.43 2.61
N SER A 555 11.95 24.75 2.77
CA SER A 555 11.22 25.43 3.83
C SER A 555 9.72 25.32 3.60
N ASP A 556 8.97 25.49 4.68
CA ASP A 556 7.51 25.37 4.59
C ASP A 556 6.94 26.45 3.68
N ASP A 557 7.47 27.67 3.76
CA ASP A 557 6.93 28.77 2.97
C ASP A 557 7.02 28.47 1.48
N VAL A 558 8.07 27.79 1.06
CA VAL A 558 8.27 27.56 -0.36
C VAL A 558 7.48 26.34 -0.84
N ILE A 559 7.39 25.30 -0.01
CA ILE A 559 6.62 24.14 -0.45
C ILE A 559 5.14 24.49 -0.49
N VAL A 560 4.67 25.29 0.47
CA VAL A 560 3.28 25.74 0.41
C VAL A 560 3.05 26.60 -0.81
N GLY A 561 3.98 27.50 -1.12
CA GLY A 561 3.89 28.27 -2.34
C GLY A 561 3.69 27.40 -3.56
N ARG A 562 4.30 26.21 -3.58
CA ARG A 562 4.16 25.32 -4.72
C ARG A 562 2.81 24.64 -4.74
N CYS A 563 2.28 24.25 -3.57
CA CYS A 563 0.89 23.82 -3.49
C CYS A 563 -0.03 24.87 -4.08
N LEU A 564 0.03 26.09 -3.54
CA LEU A 564 -0.85 27.15 -4.01
C LEU A 564 -0.68 27.39 -5.50
N ALA A 565 0.51 27.16 -6.03
CA ALA A 565 0.72 27.29 -7.47
C ALA A 565 -0.08 26.23 -8.23
N ILE A 566 -0.04 24.99 -7.74
CA ILE A 566 -0.83 23.92 -8.36
C ILE A 566 -2.31 24.24 -8.27
N LEU A 567 -2.78 24.57 -7.07
CA LEU A 567 -4.20 24.80 -6.86
C LEU A 567 -4.70 26.01 -7.64
N LYS A 568 -3.89 27.06 -7.72
CA LYS A 568 -4.30 28.22 -8.52
C LYS A 568 -4.37 27.85 -9.99
N GLY A 569 -3.61 26.86 -10.41
CA GLY A 569 -3.71 26.39 -11.78
C GLY A 569 -4.96 25.59 -12.05
N ILE A 570 -5.47 24.91 -11.03
CA ILE A 570 -6.68 24.10 -11.21
C ILE A 570 -7.93 24.96 -11.07
N PHE A 571 -7.93 25.90 -10.13
CA PHE A 571 -9.14 26.63 -9.80
C PHE A 571 -9.11 28.11 -10.15
N GLY A 572 -7.99 28.64 -10.64
CA GLY A 572 -7.88 30.06 -10.91
C GLY A 572 -7.12 30.82 -9.85
N SER A 573 -6.32 31.81 -10.26
CA SER A 573 -5.47 32.52 -9.31
C SER A 573 -6.27 33.35 -8.30
N SER A 574 -7.50 33.74 -8.64
CA SER A 574 -8.27 34.56 -7.72
C SER A 574 -9.03 33.73 -6.69
N ALA A 575 -9.38 32.49 -7.02
CA ALA A 575 -10.20 31.69 -6.13
C ALA A 575 -9.43 31.06 -4.98
N VAL A 576 -8.10 31.11 -4.99
CA VAL A 576 -7.30 30.43 -3.97
C VAL A 576 -6.73 31.43 -2.97
N PRO A 577 -7.29 31.52 -1.77
CA PRO A 577 -6.76 32.46 -0.78
C PRO A 577 -5.51 31.91 -0.14
N GLN A 578 -4.76 32.81 0.49
CA GLN A 578 -3.62 32.37 1.27
C GLN A 578 -4.11 31.56 2.46
N PRO A 579 -3.44 30.47 2.81
CA PRO A 579 -3.89 29.65 3.93
C PRO A 579 -3.73 30.39 5.24
N LYS A 580 -4.62 30.07 6.18
CA LYS A 580 -4.53 30.63 7.53
C LYS A 580 -3.52 29.87 8.39
N GLU A 581 -3.45 28.54 8.24
CA GLU A 581 -2.48 27.72 8.96
C GLU A 581 -1.96 26.63 8.03
N THR A 582 -0.68 26.28 8.20
CA THR A 582 -0.06 25.22 7.40
C THR A 582 0.84 24.37 8.27
N VAL A 583 0.97 23.09 7.90
CA VAL A 583 1.87 22.14 8.55
C VAL A 583 2.46 21.23 7.49
N VAL A 584 3.74 20.87 7.67
CA VAL A 584 4.47 20.03 6.75
C VAL A 584 5.19 18.96 7.56
N SER A 585 4.93 17.69 7.25
CA SER A 585 5.66 16.62 7.90
C SER A 585 7.03 16.44 7.26
N ARG A 586 7.97 15.93 8.05
CA ARG A 586 9.31 15.58 7.60
C ARG A 586 9.69 14.27 8.30
N TRP A 587 9.01 13.19 7.93
CA TRP A 587 9.14 11.96 8.67
C TRP A 587 10.55 11.40 8.63
N ARG A 588 11.27 11.58 7.52
CA ARG A 588 12.60 11.01 7.42
C ARG A 588 13.56 11.69 8.37
N ALA A 589 13.49 13.02 8.48
CA ALA A 589 14.39 13.75 9.38
C ALA A 589 13.95 13.70 10.83
N ASP A 590 12.73 13.27 11.10
CA ASP A 590 12.25 13.06 12.45
C ASP A 590 13.11 12.00 13.13
N PRO A 591 13.86 12.34 14.17
CA PRO A 591 14.79 11.38 14.76
C PRO A 591 14.11 10.23 15.45
N TRP A 592 12.85 10.39 15.84
CA TRP A 592 12.12 9.33 16.51
C TRP A 592 11.36 8.44 15.52
N ALA A 593 11.49 8.66 14.22
CA ALA A 593 10.89 7.77 13.24
C ALA A 593 11.89 7.39 12.15
N ARG A 594 12.53 8.39 11.54
CA ARG A 594 13.52 8.17 10.47
C ARG A 594 12.86 7.57 9.23
N GLY A 595 11.63 7.98 8.95
CA GLY A 595 10.90 7.42 7.83
C GLY A 595 9.44 7.26 8.17
N SER A 596 8.64 6.70 7.26
CA SER A 596 7.20 6.59 7.48
C SER A 596 6.80 5.18 7.89
N TYR A 597 7.15 4.19 7.08
CA TYR A 597 6.86 2.80 7.44
C TYR A 597 7.68 1.90 6.54
N SER A 598 7.62 0.60 6.81
CA SER A 598 8.47 -0.37 6.17
C SER A 598 7.89 -0.83 4.84
N TYR A 599 8.78 -1.31 3.97
CA TYR A 599 8.40 -1.92 2.71
C TYR A 599 9.31 -3.10 2.47
N VAL A 600 8.84 -4.05 1.67
CA VAL A 600 9.68 -5.20 1.40
C VAL A 600 10.69 -4.79 0.34
N ALA A 601 11.93 -4.57 0.75
CA ALA A 601 12.98 -4.21 -0.18
C ALA A 601 13.40 -5.40 -1.02
N ALA A 602 13.78 -5.12 -2.25
CA ALA A 602 14.40 -6.12 -3.10
C ALA A 602 15.50 -6.84 -2.34
N GLY A 603 15.47 -8.17 -2.39
CA GLY A 603 16.37 -8.96 -1.59
C GLY A 603 15.88 -9.24 -0.18
N SER A 604 14.90 -8.50 0.32
CA SER A 604 14.22 -8.93 1.53
C SER A 604 13.04 -9.83 1.15
N SER A 605 12.30 -10.28 2.16
CA SER A 605 11.07 -11.03 1.94
C SER A 605 10.25 -10.95 3.21
N GLY A 606 9.03 -11.48 3.13
CA GLY A 606 8.17 -11.52 4.30
C GLY A 606 8.79 -12.24 5.46
N ASN A 607 9.76 -13.11 5.20
CA ASN A 607 10.40 -13.84 6.28
C ASN A 607 11.18 -12.90 7.22
N ASP A 608 11.69 -11.79 6.69
CA ASP A 608 12.40 -10.84 7.55
C ASP A 608 11.47 -10.22 8.59
N TYR A 609 10.17 -10.14 8.29
CA TYR A 609 9.24 -9.65 9.30
C TYR A 609 9.11 -10.62 10.46
N ASP A 610 9.23 -11.92 10.18
CA ASP A 610 9.20 -12.89 11.27
C ASP A 610 10.45 -12.76 12.15
N LEU A 611 11.61 -12.60 11.53
CA LEU A 611 12.84 -12.46 12.30
C LEU A 611 12.83 -11.18 13.11
N MET A 612 12.20 -10.11 12.61
CA MET A 612 12.06 -8.92 13.43
C MET A 612 11.28 -9.20 14.70
N ALA A 613 10.23 -10.01 14.60
CA ALA A 613 9.40 -10.31 15.76
C ALA A 613 10.09 -11.24 16.75
N GLN A 614 11.17 -11.91 16.35
CA GLN A 614 11.78 -12.92 17.18
C GLN A 614 12.44 -12.31 18.41
N PRO A 615 12.18 -12.82 19.62
CA PRO A 615 12.86 -12.29 20.81
C PRO A 615 14.30 -12.77 20.91
N ILE A 616 15.08 -12.00 21.66
CA ILE A 616 16.49 -12.29 21.89
C ILE A 616 16.63 -12.91 23.27
N THR A 617 17.39 -14.00 23.36
CA THR A 617 17.77 -14.60 24.62
C THR A 617 19.27 -14.40 24.83
N PRO A 618 19.69 -13.86 25.97
CA PRO A 618 21.14 -13.79 26.24
C PRO A 618 21.69 -15.19 26.48
N GLY A 619 22.81 -15.49 25.84
CA GLY A 619 23.40 -16.82 25.88
C GLY A 619 23.66 -17.32 27.30
N PRO A 620 23.75 -18.65 27.46
CA PRO A 620 23.98 -19.28 28.76
C PRO A 620 25.27 -18.79 29.45
N PRO A 628 18.33 -20.77 29.97
CA PRO A 628 18.28 -19.42 29.40
C PRO A 628 16.86 -18.99 29.05
N ILE A 629 16.52 -17.70 29.19
CA ILE A 629 15.16 -17.24 28.87
C ILE A 629 15.21 -15.88 28.21
N PRO A 630 14.28 -15.64 27.28
CA PRO A 630 14.31 -14.39 26.51
C PRO A 630 13.93 -13.18 27.35
N ARG A 631 14.58 -12.07 27.03
CA ARG A 631 14.52 -10.80 27.77
C ARG A 631 14.11 -9.62 26.90
N LEU A 632 14.53 -9.60 25.65
CA LEU A 632 14.36 -8.46 24.75
C LEU A 632 13.35 -8.83 23.68
N PHE A 633 12.21 -8.12 23.67
CA PHE A 633 11.09 -8.45 22.80
C PHE A 633 10.86 -7.34 21.77
N PHE A 634 10.18 -7.69 20.68
CA PHE A 634 10.06 -6.75 19.57
C PHE A 634 8.64 -6.67 19.05
N ALA A 635 8.13 -5.45 18.95
CA ALA A 635 6.82 -5.20 18.37
C ALA A 635 6.92 -3.97 17.48
N GLY A 636 5.85 -3.69 16.77
CA GLY A 636 5.84 -2.56 15.86
C GLY A 636 5.48 -3.02 14.47
N GLU A 637 5.12 -2.07 13.61
CA GLU A 637 4.60 -2.41 12.30
C GLU A 637 5.60 -3.25 11.52
N HIS A 638 6.90 -3.09 11.77
CA HIS A 638 7.91 -3.84 11.04
C HIS A 638 8.11 -5.26 11.56
N THR A 639 7.24 -5.77 12.42
CA THR A 639 7.46 -7.09 13.00
C THR A 639 6.32 -8.05 12.72
N ILE A 640 5.34 -7.65 11.91
CA ILE A 640 4.13 -8.44 11.70
C ILE A 640 4.00 -8.71 10.21
N ARG A 641 4.25 -9.96 9.83
CA ARG A 641 4.43 -10.31 8.43
C ARG A 641 3.17 -10.07 7.60
N ASN A 642 1.99 -10.36 8.16
CA ASN A 642 0.77 -10.29 7.37
C ASN A 642 0.09 -8.93 7.40
N TYR A 643 0.56 -8.00 8.22
CA TYR A 643 -0.11 -6.71 8.29
C TYR A 643 0.89 -5.57 8.47
N PRO A 644 2.01 -5.57 7.75
CA PRO A 644 3.04 -4.57 8.04
C PRO A 644 2.57 -3.18 7.67
N ALA A 645 3.28 -2.18 8.19
CA ALA A 645 3.15 -0.79 7.77
C ALA A 645 1.77 -0.19 8.06
N THR A 646 1.01 -0.78 8.98
CA THR A 646 -0.34 -0.31 9.27
C THR A 646 -0.49 -0.03 10.75
N VAL A 647 -1.55 0.71 11.09
CA VAL A 647 -1.88 0.91 12.50
C VAL A 647 -2.36 -0.39 13.12
N HIS A 648 -3.23 -1.13 12.43
CA HIS A 648 -3.74 -2.36 13.02
C HIS A 648 -2.65 -3.41 13.15
N GLY A 649 -1.72 -3.45 12.19
CA GLY A 649 -0.61 -4.37 12.33
C GLY A 649 0.26 -4.05 13.52
N ALA A 650 0.51 -2.75 13.73
CA ALA A 650 1.18 -2.34 14.96
C ALA A 650 0.38 -2.76 16.18
N LEU A 651 -0.94 -2.53 16.16
CA LEU A 651 -1.77 -2.95 17.28
C LEU A 651 -1.68 -4.45 17.49
N LEU A 652 -1.90 -5.21 16.44
CA LEU A 652 -1.82 -6.67 16.55
C LEU A 652 -0.45 -7.10 17.08
N SER A 653 0.62 -6.42 16.67
CA SER A 653 1.94 -6.85 17.12
C SER A 653 2.12 -6.63 18.62
N GLY A 654 1.58 -5.52 19.14
CA GLY A 654 1.63 -5.30 20.57
C GLY A 654 0.87 -6.36 21.33
N LEU A 655 -0.33 -6.70 20.86
CA LEU A 655 -1.09 -7.79 21.49
C LEU A 655 -0.29 -9.08 21.48
N ARG A 656 0.25 -9.45 20.32
CA ARG A 656 1.03 -10.66 20.18
C ARG A 656 2.14 -10.71 21.22
N GLU A 657 2.89 -9.62 21.34
CA GLU A 657 4.06 -9.60 22.23
C GLU A 657 3.64 -9.65 23.69
N ALA A 658 2.54 -9.00 24.03
CA ALA A 658 2.07 -9.06 25.40
C ALA A 658 1.70 -10.49 25.77
N GLY A 659 1.17 -11.25 24.82
CA GLY A 659 0.88 -12.65 25.08
C GLY A 659 2.16 -13.44 25.23
N ARG A 660 3.11 -13.22 24.32
CA ARG A 660 4.39 -13.91 24.41
C ARG A 660 5.06 -13.64 25.75
N ILE A 661 5.07 -12.37 26.16
CA ILE A 661 5.74 -12.00 27.40
C ILE A 661 5.01 -12.57 28.61
N ALA A 662 3.68 -12.47 28.63
CA ALA A 662 2.93 -13.02 29.75
C ALA A 662 3.10 -14.53 29.83
N ASP A 663 3.14 -15.21 28.67
CA ASP A 663 3.40 -16.64 28.68
C ASP A 663 4.72 -16.96 29.37
N GLN A 664 5.73 -16.11 29.17
CA GLN A 664 7.06 -16.37 29.71
C GLN A 664 7.11 -16.11 31.22
N PHE A 665 6.44 -15.06 31.69
CA PHE A 665 6.62 -14.60 33.05
C PHE A 665 5.44 -14.90 33.96
N LEU A 666 4.34 -15.46 33.43
CA LEU A 666 3.24 -15.92 34.26
C LEU A 666 2.88 -17.38 34.07
N GLY A 667 3.24 -17.98 32.93
CA GLY A 667 2.86 -19.34 32.64
C GLY A 667 1.92 -19.42 31.46
N ALA A 668 2.14 -20.37 30.56
CA ALA A 668 1.29 -20.53 29.38
C ALA A 668 0.04 -21.35 29.69
O1 TLA B . -13.33 -14.25 35.37
O11 TLA B . -12.55 -13.14 33.58
C1 TLA B . -12.43 -13.84 34.60
C2 TLA B . -10.98 -14.27 34.97
O2 TLA B . -10.10 -13.68 34.03
C3 TLA B . -10.83 -15.79 35.03
O3 TLA B . -11.00 -16.36 33.76
C4 TLA B . -9.44 -16.23 35.58
O4 TLA B . -8.81 -15.35 36.21
O41 TLA B . -9.07 -17.40 35.37
C1 GOL C . 8.75 2.65 -12.60
O1 GOL C . 9.84 2.87 -11.73
C2 GOL C . 8.94 3.54 -13.88
O2 GOL C . 9.83 4.58 -13.72
C3 GOL C . 9.39 2.57 -14.98
O3 GOL C . 9.28 3.26 -16.20
C1 GOL D . 6.18 15.75 11.57
O1 GOL D . 7.24 15.58 10.69
C2 GOL D . 6.51 14.88 12.81
O2 GOL D . 7.17 13.71 12.42
C3 GOL D . 5.10 14.61 13.49
O3 GOL D . 5.25 14.66 14.88
C1 GOL E . 0.60 1.40 36.39
O1 GOL E . 0.33 0.11 35.88
C2 GOL E . -0.32 1.61 37.65
O2 GOL E . -0.90 2.87 37.66
C3 GOL E . -1.38 0.50 37.58
O3 GOL E . -2.41 0.91 38.46
C1 GOL F . -5.27 7.15 -4.17
O1 GOL F . -4.65 6.21 -3.34
C2 GOL F . -5.86 6.35 -5.34
O2 GOL F . -6.53 5.20 -4.90
C3 GOL F . -6.77 7.33 -6.14
O3 GOL F . -8.05 6.77 -6.23
C1 GOL G . -1.57 12.75 25.85
O1 GOL G . -1.26 11.83 26.89
C2 GOL G . -0.20 13.15 25.10
O2 GOL G . 0.18 12.21 24.16
C3 GOL G . -0.47 14.50 24.43
O3 GOL G . -0.89 14.15 23.12
C27 DJ0 H . -1.07 6.63 5.17
C28 DJ0 H . -1.07 5.58 4.08
C29 DJ0 H . -0.13 4.43 4.42
C30 DJ0 H . -0.68 3.02 4.43
C31 DJ0 H . -2.02 2.69 4.18
C32 DJ0 H . -2.37 1.34 4.05
C33 DJ0 H . -1.47 0.33 4.15
C34 DJ0 H . -0.18 0.67 4.44
C35 DJ0 H . 0.23 1.98 4.59
C36 DJ0 H . -4.08 3.72 3.25
C37 DJ0 H . -3.69 3.28 1.87
C38 DJ0 H . -2.71 3.97 1.16
C39 DJ0 H . -2.38 3.60 -0.13
C40 DJ0 H . -3.00 2.53 -0.73
C41 DJ0 H . -3.95 1.82 -0.03
C42 DJ0 H . -4.29 2.18 1.26
F DJ0 H . -3.66 1.03 3.80
F1 DJ0 H . 0.73 -0.32 4.59
O15 DJ0 H . -1.50 7.76 4.95
O16 DJ0 H . -3.00 3.69 4.20
PA FAD I . 5.53 4.28 16.26
O1A FAD I . 6.68 5.01 15.57
O2A FAD I . 4.20 4.92 16.13
O5B FAD I . 5.95 4.08 17.79
C5B FAD I . 7.33 3.99 18.19
C4B FAD I . 7.52 5.03 19.26
O4B FAD I . 8.88 5.00 19.72
C3B FAD I . 7.23 6.46 18.83
O3B FAD I . 6.31 7.08 19.74
C2B FAD I . 8.60 7.14 18.89
O2B FAD I . 8.49 8.52 19.22
C1B FAD I . 9.25 6.33 20.00
N9A FAD I . 10.70 6.41 20.08
C8A FAD I . 11.60 6.48 19.05
N7A FAD I . 12.85 6.48 19.42
C5A FAD I . 12.78 6.41 20.81
C6A FAD I . 13.77 6.35 21.81
N6A FAD I . 15.08 6.41 21.58
N1A FAD I . 13.35 6.27 23.10
C2A FAD I . 12.04 6.26 23.36
N3A FAD I . 11.01 6.31 22.49
C4A FAD I . 11.47 6.37 21.23
N1 FAD I . -1.06 3.29 8.49
C2 FAD I . -2.41 3.05 8.45
O2 FAD I . -2.89 2.04 8.96
N3 FAD I . -3.16 3.99 7.80
C4 FAD I . -2.71 5.12 7.15
O4 FAD I . -3.51 5.94 6.70
C4X FAD I . -1.26 5.22 7.13
N5 FAD I . -0.60 6.26 6.45
C5X FAD I . 0.63 6.75 6.98
C6 FAD I . 1.14 8.01 6.65
C7 FAD I . 2.32 8.47 7.20
C7M FAD I . 2.88 9.79 6.75
C8 FAD I . 2.99 7.68 8.15
C8M FAD I . 4.17 8.24 8.92
C9 FAD I . 2.52 6.41 8.45
C9A FAD I . 1.35 5.93 7.87
N10 FAD I . 0.81 4.68 8.22
C10 FAD I . -0.49 4.38 7.88
C1' FAD I . 1.61 3.77 9.06
C2' FAD I . 1.25 3.72 10.54
O2' FAD I . 1.15 5.03 11.09
C3' FAD I . 2.29 2.89 11.31
O3' FAD I . 2.32 1.57 10.79
C4' FAD I . 1.99 2.76 12.80
O4' FAD I . 1.80 4.05 13.39
C5' FAD I . 3.07 1.94 13.49
O5' FAD I . 3.39 2.43 14.81
P FAD I . 4.37 1.69 15.81
O1P FAD I . 4.71 0.36 15.31
O2P FAD I . 3.82 1.62 17.18
O3P FAD I . 5.55 2.75 15.84
#